data_2KYK
#
_entry.id   2KYK
#
_entity_poly.entity_id   1
_entity_poly.type   'polypeptide(L)'
_entity_poly.pdbx_seq_one_letter_code
;GRAMGPLPPGWERRVDNMGRIYYVDHFTRTTTWQRPTLE
;
_entity_poly.pdbx_strand_id   A
#
# COMPACT_ATOMS: atom_id res chain seq x y z
N GLY A 1 9.12 -4.70 9.72
CA GLY A 1 10.61 -4.59 9.83
C GLY A 1 11.31 -4.88 8.52
N ARG A 2 11.55 -3.84 7.74
CA ARG A 2 12.21 -3.99 6.45
C ARG A 2 13.39 -3.02 6.34
N ALA A 3 13.17 -1.77 6.73
CA ALA A 3 14.22 -0.76 6.67
C ALA A 3 13.83 0.47 7.48
N MET A 4 12.57 0.91 7.32
CA MET A 4 12.08 2.08 8.04
C MET A 4 11.16 1.67 9.19
N GLY A 5 10.48 2.65 9.77
CA GLY A 5 9.58 2.37 10.87
C GLY A 5 8.32 1.65 10.42
N PRO A 6 7.67 0.90 11.33
CA PRO A 6 6.45 0.16 11.02
C PRO A 6 5.35 1.06 10.44
N LEU A 7 4.15 0.51 10.32
CA LEU A 7 3.01 1.26 9.78
C LEU A 7 1.75 0.97 10.57
N PRO A 8 1.16 1.99 11.22
CA PRO A 8 -0.06 1.82 11.99
C PRO A 8 -1.15 1.12 11.18
N PRO A 9 -2.27 0.76 11.80
CA PRO A 9 -3.37 0.07 11.11
C PRO A 9 -4.06 0.98 10.10
N GLY A 10 -3.30 1.40 9.09
CA GLY A 10 -3.83 2.26 8.05
C GLY A 10 -3.01 2.14 6.78
N TRP A 11 -1.76 2.55 6.85
CA TRP A 11 -0.86 2.46 5.70
C TRP A 11 -0.39 1.02 5.53
N GLU A 12 -1.01 0.30 4.60
CA GLU A 12 -0.66 -1.08 4.37
C GLU A 12 -0.11 -1.29 2.95
N ARG A 13 1.20 -1.37 2.84
CA ARG A 13 1.85 -1.58 1.55
C ARG A 13 2.75 -2.81 1.57
N ARG A 14 2.34 -3.86 0.88
CA ARG A 14 3.11 -5.10 0.83
C ARG A 14 2.94 -5.81 -0.50
N VAL A 15 3.43 -7.04 -0.58
CA VAL A 15 3.34 -7.83 -1.80
C VAL A 15 2.03 -8.62 -1.83
N ASP A 16 1.45 -8.74 -3.01
CA ASP A 16 0.19 -9.47 -3.18
C ASP A 16 0.46 -10.91 -3.61
N ASN A 17 0.41 -11.82 -2.65
CA ASN A 17 0.64 -13.25 -2.92
C ASN A 17 2.10 -13.49 -3.32
N MET A 18 2.47 -13.00 -4.49
CA MET A 18 3.83 -13.16 -5.00
C MET A 18 4.02 -12.44 -6.32
N GLY A 19 3.55 -11.19 -6.38
CA GLY A 19 3.67 -10.41 -7.59
C GLY A 19 4.28 -9.04 -7.34
N ARG A 20 3.47 -8.01 -7.47
CA ARG A 20 3.94 -6.64 -7.26
C ARG A 20 3.55 -6.15 -5.86
N ILE A 21 4.07 -4.97 -5.49
CA ILE A 21 3.78 -4.39 -4.19
C ILE A 21 2.97 -3.11 -4.33
N TYR A 22 1.86 -3.03 -3.60
CA TYR A 22 1.02 -1.84 -3.66
C TYR A 22 0.78 -1.29 -2.27
N TYR A 23 0.29 -0.06 -2.21
CA TYR A 23 0.02 0.61 -0.94
C TYR A 23 -1.49 0.68 -0.70
N VAL A 24 -2.02 -0.38 -0.09
CA VAL A 24 -3.44 -0.47 0.21
C VAL A 24 -3.76 0.09 1.58
N ASP A 25 -4.90 0.75 1.68
CA ASP A 25 -5.33 1.35 2.94
C ASP A 25 -6.18 0.37 3.74
N HIS A 26 -6.46 0.72 4.99
CA HIS A 26 -7.26 -0.13 5.86
C HIS A 26 -8.60 0.51 6.21
N PHE A 27 -8.63 1.84 6.21
CA PHE A 27 -9.85 2.57 6.53
C PHE A 27 -10.71 2.78 5.29
N THR A 28 -10.06 2.88 4.13
CA THR A 28 -10.77 3.08 2.87
C THR A 28 -10.88 1.77 2.10
N ARG A 29 -9.93 0.87 2.33
CA ARG A 29 -9.90 -0.44 1.65
C ARG A 29 -9.31 -0.34 0.24
N THR A 30 -9.35 0.86 -0.34
CA THR A 30 -8.79 1.06 -1.68
C THR A 30 -7.28 0.98 -1.63
N THR A 31 -6.65 0.91 -2.80
CA THR A 31 -5.20 0.83 -2.86
C THR A 31 -4.60 1.89 -3.75
N THR A 32 -3.32 2.13 -3.56
CA THR A 32 -2.59 3.08 -4.36
C THR A 32 -1.23 2.50 -4.70
N TRP A 33 -0.95 2.43 -5.98
CA TRP A 33 0.28 1.88 -6.48
C TRP A 33 0.33 2.01 -8.00
N GLN A 34 -0.85 1.96 -8.61
CA GLN A 34 -0.99 2.06 -10.05
C GLN A 34 -1.08 3.51 -10.50
N ARG A 35 -0.68 3.76 -11.74
CA ARG A 35 -0.72 5.11 -12.30
C ARG A 35 -1.58 5.16 -13.55
N PRO A 36 -2.09 6.36 -13.91
CA PRO A 36 -2.94 6.54 -15.08
C PRO A 36 -2.16 6.35 -16.38
N THR A 37 -2.89 6.14 -17.47
CA THR A 37 -2.27 5.94 -18.79
C THR A 37 -3.14 6.53 -19.89
N LEU A 38 -4.44 6.22 -19.85
CA LEU A 38 -5.37 6.72 -20.84
C LEU A 38 -5.62 8.22 -20.65
N GLU A 39 -4.71 9.04 -21.16
CA GLU A 39 -4.84 10.48 -21.04
C GLU A 39 -5.25 11.10 -22.37
N GLY A 1 10.08 -9.52 10.96
CA GLY A 1 10.76 -8.73 12.03
C GLY A 1 12.08 -8.15 11.58
N ARG A 2 12.09 -7.52 10.41
CA ARG A 2 13.29 -6.93 9.86
C ARG A 2 13.02 -6.28 8.51
N ALA A 3 12.15 -6.90 7.72
CA ALA A 3 11.81 -6.39 6.40
C ALA A 3 10.73 -5.31 6.50
N MET A 4 10.62 -4.49 5.45
CA MET A 4 9.63 -3.42 5.43
C MET A 4 9.86 -2.44 6.57
N GLY A 5 9.00 -1.43 6.66
CA GLY A 5 9.12 -0.45 7.72
C GLY A 5 7.89 -0.41 8.62
N PRO A 6 7.82 0.57 9.53
CA PRO A 6 6.69 0.71 10.46
C PRO A 6 5.54 1.51 9.85
N LEU A 7 4.31 1.05 10.08
CA LEU A 7 3.13 1.72 9.55
C LEU A 7 1.92 1.47 10.45
N PRO A 8 1.44 2.50 11.17
CA PRO A 8 0.27 2.36 12.05
C PRO A 8 -0.91 1.75 11.29
N PRO A 9 -1.96 1.34 12.01
CA PRO A 9 -3.14 0.75 11.38
C PRO A 9 -3.81 1.69 10.39
N GLY A 10 -3.41 1.59 9.14
CA GLY A 10 -3.95 2.44 8.09
C GLY A 10 -3.15 2.30 6.81
N TRP A 11 -1.90 2.71 6.86
CA TRP A 11 -1.00 2.60 5.72
C TRP A 11 -0.48 1.17 5.62
N GLU A 12 -1.01 0.42 4.67
CA GLU A 12 -0.59 -0.98 4.50
C GLU A 12 -0.10 -1.24 3.08
N ARG A 13 1.22 -1.29 2.92
CA ARG A 13 1.83 -1.56 1.62
C ARG A 13 2.72 -2.79 1.66
N ARG A 14 2.28 -3.86 1.00
CA ARG A 14 3.05 -5.10 0.97
C ARG A 14 2.87 -5.82 -0.37
N VAL A 15 3.36 -7.06 -0.43
CA VAL A 15 3.25 -7.86 -1.64
C VAL A 15 2.04 -8.78 -1.58
N ASP A 16 1.52 -9.13 -2.76
CA ASP A 16 0.36 -10.01 -2.84
C ASP A 16 0.70 -11.29 -3.58
N ASN A 17 -0.28 -12.17 -3.73
CA ASN A 17 -0.09 -13.44 -4.42
C ASN A 17 -0.07 -13.24 -5.93
N MET A 18 0.90 -12.46 -6.41
CA MET A 18 1.02 -12.18 -7.83
C MET A 18 2.47 -11.83 -8.18
N GLY A 19 3.07 -10.96 -7.39
CA GLY A 19 4.44 -10.54 -7.63
C GLY A 19 4.58 -9.05 -7.76
N ARG A 20 3.84 -8.31 -6.95
CA ARG A 20 3.90 -6.85 -6.98
C ARG A 20 3.59 -6.26 -5.61
N ILE A 21 4.06 -5.04 -5.37
CA ILE A 21 3.84 -4.38 -4.09
C ILE A 21 3.03 -3.09 -4.29
N TYR A 22 2.01 -2.91 -3.45
CA TYR A 22 1.17 -1.73 -3.52
C TYR A 22 0.81 -1.23 -2.13
N TYR A 23 0.41 0.01 -2.03
CA TYR A 23 0.05 0.61 -0.76
C TYR A 23 -1.46 0.56 -0.56
N VAL A 24 -1.93 -0.56 -0.01
CA VAL A 24 -3.35 -0.77 0.24
C VAL A 24 -3.77 -0.14 1.56
N ASP A 25 -4.91 0.54 1.55
CA ASP A 25 -5.44 1.20 2.74
C ASP A 25 -6.29 0.23 3.56
N HIS A 26 -6.52 0.58 4.82
CA HIS A 26 -7.33 -0.25 5.71
C HIS A 26 -8.66 0.42 6.03
N PHE A 27 -8.65 1.74 6.06
CA PHE A 27 -9.85 2.51 6.37
C PHE A 27 -10.75 2.62 5.13
N THR A 28 -10.14 2.59 3.96
CA THR A 28 -10.88 2.69 2.70
C THR A 28 -10.93 1.35 1.98
N ARG A 29 -9.93 0.51 2.24
CA ARG A 29 -9.83 -0.82 1.62
C ARG A 29 -9.21 -0.75 0.23
N THR A 30 -9.31 0.40 -0.43
CA THR A 30 -8.73 0.58 -1.75
C THR A 30 -7.22 0.59 -1.66
N THR A 31 -6.55 0.51 -2.80
CA THR A 31 -5.10 0.52 -2.83
C THR A 31 -4.55 1.65 -3.64
N THR A 32 -3.28 1.95 -3.40
CA THR A 32 -2.59 2.98 -4.13
C THR A 32 -1.17 2.53 -4.45
N TRP A 33 -0.85 2.58 -5.72
CA TRP A 33 0.44 2.16 -6.21
C TRP A 33 0.54 2.43 -7.72
N GLN A 34 -0.62 2.37 -8.37
CA GLN A 34 -0.72 2.61 -9.81
C GLN A 34 -1.16 4.04 -10.09
N ARG A 35 -0.34 4.77 -10.83
CA ARG A 35 -0.64 6.16 -11.17
C ARG A 35 -1.75 6.22 -12.22
N PRO A 36 -2.52 7.32 -12.25
CA PRO A 36 -3.62 7.50 -13.21
C PRO A 36 -3.11 7.67 -14.64
N THR A 37 -4.03 7.77 -15.58
CA THR A 37 -3.67 7.94 -16.99
C THR A 37 -4.55 8.99 -17.65
N LEU A 38 -5.87 8.87 -17.45
CA LEU A 38 -6.82 9.81 -18.04
C LEU A 38 -8.13 9.80 -17.26
N GLU A 39 -8.31 10.81 -16.42
CA GLU A 39 -9.53 10.92 -15.61
C GLU A 39 -9.78 12.38 -15.21
N GLY A 1 12.48 5.67 13.08
CA GLY A 1 12.98 6.72 14.01
C GLY A 1 12.20 8.01 13.90
N ARG A 2 12.48 8.78 12.86
CA ARG A 2 11.81 10.05 12.62
C ARG A 2 11.43 10.22 11.16
N ALA A 3 11.25 9.10 10.46
CA ALA A 3 10.90 9.12 9.04
C ALA A 3 10.37 7.77 8.59
N MET A 4 11.24 6.78 8.54
CA MET A 4 10.85 5.43 8.12
C MET A 4 10.62 4.53 9.34
N GLY A 5 9.58 3.71 9.26
CA GLY A 5 9.26 2.81 10.35
C GLY A 5 7.99 2.03 10.10
N PRO A 6 7.47 1.32 11.12
CA PRO A 6 6.25 0.52 10.99
C PRO A 6 5.10 1.33 10.41
N LEU A 7 3.93 0.69 10.28
CA LEU A 7 2.75 1.36 9.75
C LEU A 7 1.51 1.07 10.60
N PRO A 8 0.78 2.12 11.00
CA PRO A 8 -0.44 1.95 11.80
C PRO A 8 -1.54 1.28 10.99
N PRO A 9 -2.71 1.04 11.60
CA PRO A 9 -3.84 0.40 10.91
C PRO A 9 -4.44 1.29 9.84
N GLY A 10 -3.63 1.60 8.82
CA GLY A 10 -4.07 2.44 7.73
C GLY A 10 -3.19 2.26 6.51
N TRP A 11 -1.92 2.66 6.65
CA TRP A 11 -0.96 2.52 5.58
C TRP A 11 -0.48 1.09 5.51
N GLU A 12 -0.81 0.38 4.43
CA GLU A 12 -0.42 -1.01 4.30
C GLU A 12 0.14 -1.32 2.91
N ARG A 13 1.47 -1.25 2.79
CA ARG A 13 2.13 -1.56 1.52
C ARG A 13 2.86 -2.89 1.64
N ARG A 14 2.33 -3.90 0.95
CA ARG A 14 2.92 -5.22 1.00
C ARG A 14 2.84 -5.90 -0.37
N VAL A 15 3.33 -7.14 -0.44
CA VAL A 15 3.32 -7.90 -1.68
C VAL A 15 2.02 -8.68 -1.83
N ASP A 16 1.69 -9.06 -3.06
CA ASP A 16 0.48 -9.82 -3.33
C ASP A 16 0.78 -11.05 -4.18
N ASN A 17 0.48 -12.23 -3.64
CA ASN A 17 0.72 -13.48 -4.33
C ASN A 17 2.18 -13.58 -4.80
N MET A 18 3.07 -12.91 -4.06
CA MET A 18 4.49 -12.92 -4.40
C MET A 18 4.73 -12.24 -5.74
N GLY A 19 3.97 -11.19 -6.02
CA GLY A 19 4.12 -10.47 -7.27
C GLY A 19 4.60 -9.05 -7.08
N ARG A 20 3.68 -8.09 -7.20
CA ARG A 20 4.02 -6.69 -7.03
C ARG A 20 3.57 -6.19 -5.65
N ILE A 21 4.10 -5.03 -5.26
CA ILE A 21 3.76 -4.44 -3.97
C ILE A 21 2.94 -3.17 -4.13
N TYR A 22 1.81 -3.10 -3.44
CA TYR A 22 0.94 -1.93 -3.51
C TYR A 22 0.59 -1.43 -2.10
N TYR A 23 0.41 -0.13 -1.97
CA TYR A 23 0.06 0.47 -0.69
C TYR A 23 -1.45 0.50 -0.52
N VAL A 24 -1.97 -0.55 0.09
CA VAL A 24 -3.41 -0.67 0.32
C VAL A 24 -3.81 -0.06 1.67
N ASP A 25 -4.73 0.89 1.62
CA ASP A 25 -5.20 1.56 2.82
C ASP A 25 -5.99 0.60 3.69
N HIS A 26 -6.15 0.97 4.96
CA HIS A 26 -6.88 0.14 5.92
C HIS A 26 -8.17 0.83 6.34
N PHE A 27 -8.21 2.15 6.24
CA PHE A 27 -9.39 2.92 6.61
C PHE A 27 -10.34 3.08 5.44
N THR A 28 -9.80 2.99 4.23
CA THR A 28 -10.62 3.13 3.02
C THR A 28 -10.77 1.80 2.29
N ARG A 29 -9.86 0.86 2.57
CA ARG A 29 -9.88 -0.47 1.95
C ARG A 29 -9.29 -0.45 0.53
N THR A 30 -9.40 0.68 -0.15
CA THR A 30 -8.86 0.79 -1.51
C THR A 30 -7.34 0.78 -1.46
N THR A 31 -6.72 0.61 -2.62
CA THR A 31 -5.26 0.59 -2.68
C THR A 31 -4.70 1.68 -3.57
N THR A 32 -3.42 1.93 -3.39
CA THR A 32 -2.71 2.92 -4.18
C THR A 32 -1.33 2.39 -4.54
N TRP A 33 -1.07 2.34 -5.83
CA TRP A 33 0.18 1.85 -6.35
C TRP A 33 0.22 2.05 -7.87
N GLN A 34 -0.96 2.01 -8.47
CA GLN A 34 -1.11 2.19 -9.91
C GLN A 34 -1.32 3.65 -10.27
N ARG A 35 -0.39 4.20 -11.06
CA ARG A 35 -0.47 5.59 -11.48
C ARG A 35 -1.64 5.81 -12.45
N PRO A 36 -2.43 6.88 -12.25
CA PRO A 36 -3.58 7.18 -13.10
C PRO A 36 -3.15 7.69 -14.48
N THR A 37 -3.68 7.06 -15.53
CA THR A 37 -3.35 7.44 -16.90
C THR A 37 -4.35 8.46 -17.43
N LEU A 38 -5.59 8.35 -16.99
CA LEU A 38 -6.64 9.26 -17.42
C LEU A 38 -6.99 10.26 -16.32
N GLU A 39 -6.14 11.26 -16.14
CA GLU A 39 -6.37 12.27 -15.11
C GLU A 39 -6.90 13.57 -15.72
N GLY A 1 15.54 4.90 5.81
CA GLY A 1 16.37 5.98 5.19
C GLY A 1 15.53 7.16 4.73
N ARG A 2 14.69 6.94 3.72
CA ARG A 2 13.85 8.00 3.20
C ARG A 2 12.38 7.72 3.51
N ALA A 3 12.02 6.44 3.56
CA ALA A 3 10.65 6.04 3.85
C ALA A 3 10.59 4.62 4.40
N MET A 4 11.51 4.32 5.33
CA MET A 4 11.57 3.00 5.94
C MET A 4 11.16 3.06 7.40
N GLY A 5 10.21 2.22 7.78
CA GLY A 5 9.74 2.19 9.15
C GLY A 5 8.40 1.49 9.30
N PRO A 6 7.88 1.39 10.54
CA PRO A 6 6.59 0.73 10.80
C PRO A 6 5.42 1.53 10.25
N LEU A 7 4.26 0.89 10.15
CA LEU A 7 3.06 1.55 9.66
C LEU A 7 1.84 1.21 10.53
N PRO A 8 1.13 2.24 11.03
CA PRO A 8 -0.04 2.03 11.87
C PRO A 8 -1.12 1.27 11.10
N PRO A 9 -2.23 0.91 11.76
CA PRO A 9 -3.33 0.18 11.11
C PRO A 9 -4.07 1.03 10.09
N GLY A 10 -3.34 1.48 9.07
CA GLY A 10 -3.92 2.29 8.02
C GLY A 10 -3.11 2.18 6.74
N TRP A 11 -1.86 2.61 6.81
CA TRP A 11 -0.96 2.53 5.67
C TRP A 11 -0.43 1.12 5.53
N GLU A 12 -1.02 0.36 4.62
CA GLU A 12 -0.61 -1.03 4.42
C GLU A 12 -0.04 -1.24 3.02
N ARG A 13 1.28 -1.32 2.92
CA ARG A 13 1.93 -1.53 1.63
C ARG A 13 2.82 -2.77 1.67
N ARG A 14 2.39 -3.81 0.97
CA ARG A 14 3.14 -5.05 0.90
C ARG A 14 2.94 -5.74 -0.45
N VAL A 15 3.42 -6.98 -0.55
CA VAL A 15 3.27 -7.75 -1.79
C VAL A 15 2.03 -8.61 -1.75
N ASP A 16 1.56 -9.03 -2.92
CA ASP A 16 0.37 -9.87 -3.02
C ASP A 16 0.76 -11.33 -3.20
N ASN A 17 -0.24 -12.20 -3.31
CA ASN A 17 0.00 -13.62 -3.49
C ASN A 17 1.04 -13.88 -4.58
N MET A 18 0.98 -13.08 -5.64
CA MET A 18 1.91 -13.21 -6.75
C MET A 18 1.78 -12.04 -7.72
N GLY A 19 2.18 -10.86 -7.27
CA GLY A 19 2.10 -9.68 -8.12
C GLY A 19 3.19 -8.67 -7.82
N ARG A 20 2.80 -7.53 -7.25
CA ARG A 20 3.75 -6.48 -6.92
C ARG A 20 3.39 -5.82 -5.59
N ILE A 21 4.26 -4.92 -5.15
CA ILE A 21 4.05 -4.21 -3.89
C ILE A 21 3.19 -2.97 -4.10
N TYR A 22 2.03 -2.93 -3.45
CA TYR A 22 1.14 -1.78 -3.56
C TYR A 22 0.79 -1.23 -2.18
N TYR A 23 0.43 0.04 -2.13
CA TYR A 23 0.08 0.68 -0.88
C TYR A 23 -1.42 0.69 -0.68
N VAL A 24 -1.92 -0.37 -0.05
CA VAL A 24 -3.34 -0.50 0.21
C VAL A 24 -3.73 0.05 1.58
N ASP A 25 -4.87 0.73 1.63
CA ASP A 25 -5.35 1.33 2.88
C ASP A 25 -6.29 0.37 3.60
N HIS A 26 -6.38 0.54 4.92
CA HIS A 26 -7.24 -0.31 5.74
C HIS A 26 -8.53 0.42 6.10
N PHE A 27 -8.47 1.75 6.12
CA PHE A 27 -9.65 2.56 6.45
C PHE A 27 -10.54 2.76 5.24
N THR A 28 -9.94 2.75 4.05
CA THR A 28 -10.68 2.94 2.82
C THR A 28 -10.82 1.62 2.05
N ARG A 29 -9.90 0.69 2.30
CA ARG A 29 -9.90 -0.62 1.65
C ARG A 29 -9.28 -0.55 0.25
N THR A 30 -9.37 0.61 -0.39
CA THR A 30 -8.80 0.78 -1.72
C THR A 30 -7.28 0.77 -1.66
N THR A 31 -6.63 0.68 -2.81
CA THR A 31 -5.19 0.66 -2.85
C THR A 31 -4.62 1.75 -3.73
N THR A 32 -3.35 2.03 -3.51
CA THR A 32 -2.64 3.02 -4.29
C THR A 32 -1.24 2.50 -4.61
N TRP A 33 -0.95 2.45 -5.88
CA TRP A 33 0.34 1.97 -6.37
C TRP A 33 0.42 2.15 -7.88
N GLN A 34 -0.76 2.08 -8.51
CA GLN A 34 -0.87 2.22 -9.96
C GLN A 34 -1.17 3.67 -10.34
N ARG A 35 -0.15 4.38 -10.80
CA ARG A 35 -0.31 5.78 -11.20
C ARG A 35 -1.14 5.89 -12.47
N PRO A 36 -1.99 6.93 -12.56
CA PRO A 36 -2.85 7.16 -13.73
C PRO A 36 -2.09 7.73 -14.91
N THR A 37 -2.81 8.19 -15.92
CA THR A 37 -2.20 8.77 -17.11
C THR A 37 -2.52 10.26 -17.22
N LEU A 38 -1.59 11.10 -16.76
CA LEU A 38 -1.78 12.54 -16.82
C LEU A 38 -0.93 13.16 -17.91
N GLU A 39 -0.71 12.40 -18.98
CA GLU A 39 0.08 12.88 -20.11
C GLU A 39 -0.12 12.00 -21.34
N GLY A 1 15.66 7.13 10.67
CA GLY A 1 14.27 7.51 10.28
C GLY A 1 13.34 7.62 11.47
N ARG A 2 12.48 8.63 11.47
CA ARG A 2 11.54 8.84 12.56
C ARG A 2 10.13 8.45 12.14
N ALA A 3 9.74 8.86 10.93
CA ALA A 3 8.42 8.56 10.41
C ALA A 3 8.51 7.81 9.09
N MET A 4 9.43 6.85 9.01
CA MET A 4 9.62 6.06 7.81
C MET A 4 9.93 4.60 8.15
N GLY A 5 9.33 4.11 9.22
CA GLY A 5 9.54 2.73 9.63
C GLY A 5 8.29 1.89 9.54
N PRO A 6 7.64 1.59 10.69
CA PRO A 6 6.41 0.80 10.71
C PRO A 6 5.21 1.56 10.15
N LEU A 7 4.04 0.92 10.17
CA LEU A 7 2.83 1.55 9.67
C LEU A 7 1.63 1.22 10.54
N PRO A 8 1.02 2.24 11.18
CA PRO A 8 -0.16 2.03 12.03
C PRO A 8 -1.35 1.56 11.20
N PRO A 9 -2.40 1.02 11.84
CA PRO A 9 -3.58 0.54 11.14
C PRO A 9 -4.13 1.57 10.15
N GLY A 10 -3.70 1.45 8.90
CA GLY A 10 -4.12 2.38 7.86
C GLY A 10 -3.25 2.24 6.64
N TRP A 11 -2.01 2.71 6.76
CA TRP A 11 -1.04 2.62 5.67
C TRP A 11 -0.52 1.19 5.59
N GLU A 12 -0.81 0.50 4.49
CA GLU A 12 -0.35 -0.87 4.36
C GLU A 12 0.18 -1.17 2.96
N ARG A 13 1.50 -1.12 2.81
CA ARG A 13 2.14 -1.42 1.53
C ARG A 13 2.86 -2.75 1.64
N ARG A 14 2.33 -3.76 0.95
CA ARG A 14 2.91 -5.09 0.99
C ARG A 14 2.84 -5.77 -0.37
N VAL A 15 3.38 -6.98 -0.46
CA VAL A 15 3.37 -7.72 -1.70
C VAL A 15 2.34 -8.84 -1.66
N ASP A 16 1.43 -8.85 -2.65
CA ASP A 16 0.39 -9.86 -2.72
C ASP A 16 0.84 -11.05 -3.57
N ASN A 17 0.01 -12.09 -3.61
CA ASN A 17 0.33 -13.28 -4.39
C ASN A 17 0.28 -12.99 -5.88
N MET A 18 1.41 -12.53 -6.43
CA MET A 18 1.50 -12.21 -7.85
C MET A 18 2.89 -11.72 -8.21
N GLY A 19 3.50 -10.95 -7.32
CA GLY A 19 4.83 -10.43 -7.56
C GLY A 19 4.85 -8.92 -7.65
N ARG A 20 3.91 -8.27 -6.98
CA ARG A 20 3.82 -6.81 -6.99
C ARG A 20 3.47 -6.28 -5.60
N ILE A 21 3.98 -5.09 -5.29
CA ILE A 21 3.72 -4.48 -3.99
C ILE A 21 2.96 -3.17 -4.15
N TYR A 22 1.77 -3.10 -3.56
CA TYR A 22 0.94 -1.90 -3.63
C TYR A 22 0.59 -1.41 -2.24
N TYR A 23 0.36 -0.11 -2.12
CA TYR A 23 0.01 0.49 -0.84
C TYR A 23 -1.50 0.42 -0.62
N VAL A 24 -1.94 -0.67 -0.01
CA VAL A 24 -3.35 -0.87 0.27
C VAL A 24 -3.75 -0.20 1.58
N ASP A 25 -4.78 0.64 1.53
CA ASP A 25 -5.24 1.35 2.72
C ASP A 25 -5.99 0.40 3.65
N HIS A 26 -6.21 0.85 4.88
CA HIS A 26 -6.91 0.05 5.87
C HIS A 26 -8.25 0.67 6.24
N PHE A 27 -8.33 2.00 6.16
CA PHE A 27 -9.56 2.71 6.49
C PHE A 27 -10.47 2.81 5.28
N THR A 28 -9.88 2.83 4.09
CA THR A 28 -10.65 2.92 2.85
C THR A 28 -10.75 1.56 2.16
N ARG A 29 -9.80 0.67 2.46
CA ARG A 29 -9.76 -0.68 1.87
C ARG A 29 -9.18 -0.67 0.46
N THR A 30 -9.31 0.46 -0.24
CA THR A 30 -8.78 0.56 -1.60
C THR A 30 -7.26 0.57 -1.57
N THR A 31 -6.63 0.37 -2.72
CA THR A 31 -5.19 0.35 -2.79
C THR A 31 -4.64 1.45 -3.68
N THR A 32 -3.41 1.83 -3.40
CA THR A 32 -2.73 2.84 -4.19
C THR A 32 -1.32 2.36 -4.52
N TRP A 33 -0.99 2.44 -5.79
CA TRP A 33 0.29 2.01 -6.30
C TRP A 33 0.39 2.32 -7.79
N GLN A 34 -0.76 2.27 -8.46
CA GLN A 34 -0.85 2.54 -9.88
C GLN A 34 -0.85 4.04 -10.16
N ARG A 35 0.13 4.49 -10.92
CA ARG A 35 0.24 5.91 -11.26
C ARG A 35 -0.39 6.21 -12.63
N PRO A 36 -1.61 6.78 -12.64
CA PRO A 36 -2.31 7.10 -13.88
C PRO A 36 -1.65 8.26 -14.63
N THR A 37 -1.14 7.96 -15.83
CA THR A 37 -0.48 8.97 -16.65
C THR A 37 -0.63 8.65 -18.13
N LEU A 38 -1.16 9.60 -18.88
CA LEU A 38 -1.36 9.42 -20.31
C LEU A 38 -1.71 10.74 -21.00
N GLU A 39 -0.72 11.61 -21.16
CA GLU A 39 -0.92 12.91 -21.78
C GLU A 39 -0.45 12.89 -23.24
N GLY A 1 13.50 -8.16 11.73
CA GLY A 1 14.11 -7.56 10.50
C GLY A 1 13.14 -7.50 9.34
N ARG A 2 13.67 -7.27 8.14
CA ARG A 2 12.85 -7.20 6.94
C ARG A 2 11.97 -5.95 6.95
N ALA A 3 11.02 -5.90 7.87
CA ALA A 3 10.12 -4.77 7.99
C ALA A 3 10.89 -3.48 8.23
N MET A 4 10.98 -2.65 7.20
CA MET A 4 11.70 -1.37 7.30
C MET A 4 10.72 -0.21 7.44
N GLY A 5 10.51 0.23 8.67
CA GLY A 5 9.61 1.34 8.92
C GLY A 5 8.18 0.87 9.17
N PRO A 6 7.66 1.04 10.40
CA PRO A 6 6.29 0.63 10.73
C PRO A 6 5.24 1.49 10.02
N LEU A 7 3.98 1.10 10.18
CA LEU A 7 2.88 1.84 9.55
C LEU A 7 1.62 1.77 10.41
N PRO A 8 1.15 2.93 10.91
CA PRO A 8 -0.07 2.98 11.74
C PRO A 8 -1.25 2.37 10.99
N PRO A 9 -2.25 1.86 11.72
CA PRO A 9 -3.43 1.24 11.10
C PRO A 9 -4.02 2.10 9.99
N GLY A 10 -3.58 1.82 8.76
CA GLY A 10 -4.05 2.57 7.60
C GLY A 10 -3.15 2.35 6.41
N TRP A 11 -1.92 2.85 6.50
CA TRP A 11 -0.95 2.68 5.44
C TRP A 11 -0.44 1.25 5.43
N GLU A 12 -0.71 0.51 4.37
CA GLU A 12 -0.27 -0.88 4.29
C GLU A 12 0.24 -1.25 2.90
N ARG A 13 1.57 -1.15 2.72
CA ARG A 13 2.19 -1.49 1.46
C ARG A 13 2.91 -2.83 1.57
N ARG A 14 2.29 -3.86 1.01
CA ARG A 14 2.86 -5.20 1.07
C ARG A 14 2.62 -5.96 -0.24
N VAL A 15 2.91 -7.25 -0.25
CA VAL A 15 2.72 -8.08 -1.42
C VAL A 15 1.46 -8.92 -1.31
N ASP A 16 0.76 -9.09 -2.43
CA ASP A 16 -0.47 -9.87 -2.45
C ASP A 16 -0.50 -10.79 -3.67
N ASN A 17 -0.77 -12.07 -3.43
CA ASN A 17 -0.83 -13.05 -4.51
C ASN A 17 0.50 -13.16 -5.23
N MET A 18 1.56 -12.63 -4.60
CA MET A 18 2.89 -12.67 -5.20
C MET A 18 2.93 -11.93 -6.53
N GLY A 19 2.26 -10.79 -6.58
CA GLY A 19 2.22 -9.99 -7.80
C GLY A 19 3.09 -8.76 -7.72
N ARG A 20 2.52 -7.68 -7.18
CA ARG A 20 3.24 -6.42 -7.04
C ARG A 20 2.97 -5.79 -5.68
N ILE A 21 3.96 -5.08 -5.13
CA ILE A 21 3.82 -4.43 -3.85
C ILE A 21 3.12 -3.08 -3.99
N TYR A 22 1.95 -2.97 -3.37
CA TYR A 22 1.17 -1.73 -3.43
C TYR A 22 0.71 -1.31 -2.04
N TYR A 23 0.54 -0.01 -1.85
CA TYR A 23 0.11 0.53 -0.57
C TYR A 23 -1.42 0.55 -0.48
N VAL A 24 -1.96 -0.44 0.21
CA VAL A 24 -3.41 -0.56 0.38
C VAL A 24 -3.85 0.04 1.71
N ASP A 25 -4.88 0.89 1.64
CA ASP A 25 -5.41 1.55 2.82
C ASP A 25 -6.33 0.60 3.59
N HIS A 26 -5.76 -0.08 4.58
CA HIS A 26 -6.52 -1.01 5.40
C HIS A 26 -7.75 -0.34 6.01
N PHE A 27 -7.68 0.98 6.15
CA PHE A 27 -8.79 1.74 6.71
C PHE A 27 -10.02 1.69 5.80
N THR A 28 -9.79 1.48 4.51
CA THR A 28 -10.88 1.41 3.54
C THR A 28 -10.89 0.07 2.80
N ARG A 29 -10.16 0.00 1.70
CA ARG A 29 -10.09 -1.23 0.91
C ARG A 29 -9.30 -1.01 -0.39
N THR A 30 -9.36 0.21 -0.91
CA THR A 30 -8.64 0.53 -2.15
C THR A 30 -7.14 0.54 -1.91
N THR A 31 -6.37 0.57 -2.99
CA THR A 31 -4.92 0.57 -2.89
C THR A 31 -4.31 1.70 -3.67
N THR A 32 -3.06 2.00 -3.34
CA THR A 32 -2.32 3.05 -4.03
C THR A 32 -0.90 2.57 -4.33
N TRP A 33 -0.52 2.71 -5.58
CA TRP A 33 0.78 2.30 -6.06
C TRP A 33 0.94 2.68 -7.53
N GLN A 34 -0.18 2.67 -8.24
CA GLN A 34 -0.21 3.02 -9.65
C GLN A 34 -0.61 4.46 -9.85
N ARG A 35 -0.39 4.98 -11.05
CA ARG A 35 -0.73 6.37 -11.37
C ARG A 35 -2.04 6.45 -12.15
N PRO A 36 -3.16 6.76 -11.48
CA PRO A 36 -4.47 6.86 -12.12
C PRO A 36 -4.61 8.12 -12.96
N THR A 37 -5.17 7.97 -14.15
CA THR A 37 -5.37 9.10 -15.06
C THR A 37 -6.85 9.37 -15.27
N LEU A 38 -7.62 8.31 -15.43
CA LEU A 38 -9.06 8.43 -15.66
C LEU A 38 -9.81 8.55 -14.33
N GLU A 39 -10.24 9.76 -14.01
CA GLU A 39 -10.97 10.01 -12.76
C GLU A 39 -11.81 11.28 -12.87
N GLY A 1 13.36 4.76 19.60
CA GLY A 1 13.89 3.70 18.70
C GLY A 1 14.47 4.26 17.42
N ARG A 2 13.97 5.42 16.99
CA ARG A 2 14.44 6.05 15.77
C ARG A 2 14.21 5.16 14.56
N ALA A 3 14.81 5.53 13.43
CA ALA A 3 14.67 4.76 12.20
C ALA A 3 13.22 4.72 11.75
N MET A 4 13.01 4.63 10.43
CA MET A 4 11.68 4.59 9.86
C MET A 4 11.41 3.25 9.17
N GLY A 5 10.15 2.99 8.87
CA GLY A 5 9.79 1.75 8.22
C GLY A 5 8.39 1.29 8.56
N PRO A 6 8.07 1.14 9.85
CA PRO A 6 6.74 0.71 10.30
C PRO A 6 5.62 1.55 9.69
N LEU A 7 4.38 1.10 9.88
CA LEU A 7 3.23 1.80 9.35
C LEU A 7 1.99 1.57 10.22
N PRO A 8 1.47 2.63 10.85
CA PRO A 8 0.26 2.51 11.68
C PRO A 8 -0.92 2.07 10.84
N PRO A 9 -2.01 1.60 11.47
CA PRO A 9 -3.20 1.16 10.74
C PRO A 9 -3.61 2.16 9.66
N GLY A 10 -3.88 1.64 8.47
CA GLY A 10 -4.26 2.50 7.36
C GLY A 10 -3.28 2.37 6.21
N TRP A 11 -2.02 2.68 6.49
CA TRP A 11 -0.97 2.57 5.49
C TRP A 11 -0.39 1.16 5.48
N GLU A 12 -0.65 0.43 4.41
CA GLU A 12 -0.16 -0.95 4.31
C GLU A 12 0.36 -1.26 2.92
N ARG A 13 1.67 -1.12 2.74
CA ARG A 13 2.29 -1.41 1.45
C ARG A 13 3.04 -2.74 1.52
N ARG A 14 2.39 -3.79 1.01
CA ARG A 14 2.97 -5.12 1.03
C ARG A 14 2.71 -5.84 -0.30
N VAL A 15 3.04 -7.12 -0.34
CA VAL A 15 2.86 -7.93 -1.54
C VAL A 15 1.70 -8.90 -1.37
N ASP A 16 0.54 -8.56 -1.91
CA ASP A 16 -0.64 -9.41 -1.81
C ASP A 16 -1.08 -9.89 -3.18
N ASN A 17 -1.90 -10.94 -3.20
CA ASN A 17 -2.39 -11.51 -4.45
C ASN A 17 -1.24 -12.05 -5.30
N MET A 18 -0.07 -12.20 -4.68
CA MET A 18 1.11 -12.71 -5.38
C MET A 18 1.42 -11.86 -6.61
N GLY A 19 1.78 -10.60 -6.37
CA GLY A 19 2.11 -9.70 -7.46
C GLY A 19 3.23 -8.75 -7.11
N ARG A 20 2.89 -7.48 -6.93
CA ARG A 20 3.88 -6.47 -6.57
C ARG A 20 3.51 -5.78 -5.26
N ILE A 21 4.43 -4.93 -4.78
CA ILE A 21 4.20 -4.21 -3.53
C ILE A 21 3.40 -2.94 -3.77
N TYR A 22 2.19 -2.89 -3.19
CA TYR A 22 1.33 -1.73 -3.33
C TYR A 22 0.79 -1.29 -1.98
N TYR A 23 0.67 0.02 -1.80
CA TYR A 23 0.17 0.57 -0.54
C TYR A 23 -1.34 0.48 -0.46
N VAL A 24 -1.83 -0.62 0.13
CA VAL A 24 -3.25 -0.83 0.28
C VAL A 24 -3.78 -0.15 1.54
N ASP A 25 -4.87 0.60 1.38
CA ASP A 25 -5.47 1.32 2.50
C ASP A 25 -6.36 0.41 3.32
N HIS A 26 -5.90 0.05 4.51
CA HIS A 26 -6.66 -0.83 5.41
C HIS A 26 -7.91 -0.12 5.92
N PHE A 27 -7.86 1.21 5.96
CA PHE A 27 -8.98 2.01 6.44
C PHE A 27 -10.23 1.74 5.60
N THR A 28 -10.04 1.31 4.36
CA THR A 28 -11.15 1.02 3.47
C THR A 28 -10.99 -0.35 2.80
N ARG A 29 -10.19 -0.38 1.73
CA ARG A 29 -9.96 -1.62 1.00
C ARG A 29 -9.19 -1.36 -0.30
N THR A 30 -9.31 -0.14 -0.83
CA THR A 30 -8.62 0.22 -2.07
C THR A 30 -7.12 0.27 -1.85
N THR A 31 -6.37 0.35 -2.95
CA THR A 31 -4.92 0.40 -2.86
C THR A 31 -4.35 1.57 -3.64
N THR A 32 -3.12 1.91 -3.33
CA THR A 32 -2.42 2.97 -4.02
C THR A 32 -0.98 2.55 -4.30
N TRP A 33 -0.63 2.60 -5.56
CA TRP A 33 0.69 2.21 -6.01
C TRP A 33 0.85 2.56 -7.49
N GLN A 34 -0.27 2.50 -8.21
CA GLN A 34 -0.30 2.79 -9.63
C GLN A 34 -0.52 4.27 -9.88
N ARG A 35 0.40 4.88 -10.64
CA ARG A 35 0.31 6.30 -10.95
C ARG A 35 -0.24 6.52 -12.36
N PRO A 36 -0.96 7.62 -12.57
CA PRO A 36 -1.54 7.94 -13.89
C PRO A 36 -0.48 8.03 -14.98
N THR A 37 -0.09 6.89 -15.52
CA THR A 37 0.92 6.84 -16.57
C THR A 37 2.26 7.36 -16.07
N LEU A 38 3.33 6.63 -16.38
CA LEU A 38 4.67 7.02 -15.96
C LEU A 38 5.38 7.80 -17.05
N GLU A 39 4.68 8.79 -17.60
CA GLU A 39 5.24 9.62 -18.67
C GLU A 39 5.42 11.07 -18.20
N GLY A 1 8.27 16.34 5.84
CA GLY A 1 8.21 15.12 6.70
C GLY A 1 8.77 13.90 6.01
N ARG A 2 7.90 13.09 5.42
CA ARG A 2 8.33 11.89 4.72
C ARG A 2 9.01 10.91 5.68
N ALA A 3 8.45 10.78 6.86
CA ALA A 3 9.01 9.88 7.88
C ALA A 3 9.01 8.43 7.39
N MET A 4 9.61 7.55 8.18
CA MET A 4 9.67 6.13 7.82
C MET A 4 9.51 5.26 9.06
N GLY A 5 9.64 3.94 8.87
CA GLY A 5 9.51 3.01 9.97
C GLY A 5 8.26 2.14 9.85
N PRO A 6 7.69 1.72 10.99
CA PRO A 6 6.48 0.88 10.99
C PRO A 6 5.27 1.62 10.45
N LEU A 7 4.18 0.90 10.21
CA LEU A 7 2.96 1.50 9.69
C LEU A 7 1.75 1.13 10.55
N PRO A 8 1.07 2.13 11.14
CA PRO A 8 -0.12 1.90 11.96
C PRO A 8 -1.22 1.24 11.15
N PRO A 9 -2.35 0.89 11.78
CA PRO A 9 -3.48 0.25 11.08
C PRO A 9 -4.14 1.19 10.08
N GLY A 10 -3.38 1.59 9.08
CA GLY A 10 -3.88 2.48 8.04
C GLY A 10 -3.07 2.33 6.77
N TRP A 11 -1.81 2.73 6.83
CA TRP A 11 -0.91 2.60 5.69
C TRP A 11 -0.46 1.16 5.56
N GLU A 12 -1.08 0.42 4.66
CA GLU A 12 -0.75 -0.98 4.47
C GLU A 12 -0.22 -1.26 3.06
N ARG A 13 1.10 -1.35 2.93
CA ARG A 13 1.73 -1.61 1.64
C ARG A 13 2.63 -2.85 1.71
N ARG A 14 2.24 -3.89 0.99
CA ARG A 14 3.02 -5.13 0.97
C ARG A 14 2.91 -5.81 -0.39
N VAL A 15 3.47 -7.00 -0.50
CA VAL A 15 3.43 -7.77 -1.74
C VAL A 15 2.25 -8.72 -1.76
N ASP A 16 1.43 -8.63 -2.80
CA ASP A 16 0.27 -9.50 -2.93
C ASP A 16 0.55 -10.68 -3.86
N ASN A 17 0.20 -11.87 -3.42
CA ASN A 17 0.42 -13.08 -4.21
C ASN A 17 1.90 -13.26 -4.54
N MET A 18 2.77 -12.67 -3.72
CA MET A 18 4.21 -12.76 -3.94
C MET A 18 4.59 -12.28 -5.33
N GLY A 19 3.89 -11.24 -5.80
CA GLY A 19 4.17 -10.70 -7.12
C GLY A 19 4.46 -9.21 -7.08
N ARG A 20 3.41 -8.40 -7.06
CA ARG A 20 3.56 -6.95 -7.02
C ARG A 20 3.32 -6.41 -5.62
N ILE A 21 3.81 -5.20 -5.36
CA ILE A 21 3.63 -4.56 -4.06
C ILE A 21 2.89 -3.24 -4.20
N TYR A 22 1.75 -3.12 -3.52
CA TYR A 22 0.96 -1.90 -3.59
C TYR A 22 0.72 -1.34 -2.20
N TYR A 23 0.30 -0.08 -2.14
CA TYR A 23 0.04 0.59 -0.87
C TYR A 23 -1.46 0.70 -0.63
N VAL A 24 -2.01 -0.33 0.00
CA VAL A 24 -3.42 -0.38 0.30
C VAL A 24 -3.71 0.21 1.68
N ASP A 25 -4.81 0.94 1.78
CA ASP A 25 -5.18 1.58 3.04
C ASP A 25 -6.18 0.72 3.82
N HIS A 26 -6.11 0.80 5.14
CA HIS A 26 -7.02 0.04 5.99
C HIS A 26 -8.37 0.73 6.08
N PHE A 27 -8.35 2.00 6.47
CA PHE A 27 -9.58 2.78 6.57
C PHE A 27 -10.32 2.77 5.24
N THR A 28 -9.56 2.57 4.17
CA THR A 28 -10.13 2.53 2.82
C THR A 28 -9.64 1.29 2.08
N ARG A 29 -10.53 0.30 1.93
CA ARG A 29 -10.20 -0.94 1.24
C ARG A 29 -9.49 -0.72 -0.09
N THR A 30 -9.55 0.51 -0.61
CA THR A 30 -8.89 0.82 -1.88
C THR A 30 -7.39 0.76 -1.73
N THR A 31 -6.69 0.73 -2.85
CA THR A 31 -5.23 0.66 -2.83
C THR A 31 -4.60 1.76 -3.67
N THR A 32 -3.33 1.98 -3.43
CA THR A 32 -2.58 2.96 -4.18
C THR A 32 -1.21 2.40 -4.54
N TRP A 33 -0.92 2.42 -5.82
CA TRP A 33 0.32 1.91 -6.35
C TRP A 33 0.37 2.13 -7.86
N GLN A 34 -0.81 2.11 -8.47
CA GLN A 34 -0.95 2.31 -9.91
C GLN A 34 -1.06 3.79 -10.25
N ARG A 35 -0.69 4.14 -11.47
CA ARG A 35 -0.74 5.53 -11.91
C ARG A 35 -2.16 5.91 -12.34
N PRO A 36 -2.83 6.81 -11.60
CA PRO A 36 -4.19 7.24 -11.93
C PRO A 36 -4.28 7.87 -13.31
N THR A 37 -4.84 7.12 -14.25
CA THR A 37 -4.99 7.60 -15.63
C THR A 37 -6.46 7.84 -15.95
N LEU A 38 -7.34 7.06 -15.35
CA LEU A 38 -8.77 7.19 -15.58
C LEU A 38 -9.34 8.36 -14.78
N GLU A 39 -9.35 9.54 -15.40
CA GLU A 39 -9.87 10.74 -14.75
C GLU A 39 -9.82 11.93 -15.70
N GLY A 1 18.73 5.40 17.92
CA GLY A 1 17.39 5.93 18.31
C GLY A 1 16.28 5.42 17.41
N ARG A 2 15.12 5.16 18.00
CA ARG A 2 13.97 4.66 17.25
C ARG A 2 13.37 5.76 16.38
N ALA A 3 13.88 5.90 15.16
CA ALA A 3 13.38 6.91 14.24
C ALA A 3 12.32 6.34 13.32
N MET A 4 12.47 5.07 12.96
CA MET A 4 11.51 4.41 12.07
C MET A 4 10.15 4.30 12.76
N GLY A 5 9.10 4.60 12.00
CA GLY A 5 7.75 4.53 12.54
C GLY A 5 6.90 3.47 11.85
N PRO A 6 6.34 2.51 12.61
CA PRO A 6 5.50 1.45 12.04
C PRO A 6 4.20 1.99 11.48
N LEU A 7 3.88 1.61 10.25
CA LEU A 7 2.66 2.08 9.60
C LEU A 7 1.42 1.73 10.42
N PRO A 8 0.67 2.74 10.89
CA PRO A 8 -0.54 2.52 11.68
C PRO A 8 -1.60 1.76 10.87
N PRO A 9 -2.74 1.43 11.49
CA PRO A 9 -3.81 0.69 10.80
C PRO A 9 -4.43 1.51 9.67
N GLY A 10 -3.63 1.78 8.65
CA GLY A 10 -4.09 2.54 7.49
C GLY A 10 -3.16 2.38 6.32
N TRP A 11 -1.94 2.88 6.47
CA TRP A 11 -0.93 2.75 5.43
C TRP A 11 -0.39 1.33 5.40
N GLU A 12 -0.62 0.62 4.31
CA GLU A 12 -0.16 -0.76 4.20
C GLU A 12 0.42 -1.07 2.83
N ARG A 13 1.76 -1.04 2.74
CA ARG A 13 2.44 -1.35 1.49
C ARG A 13 3.15 -2.69 1.61
N ARG A 14 2.51 -3.72 1.10
CA ARG A 14 3.06 -5.07 1.16
C ARG A 14 2.88 -5.81 -0.16
N VAL A 15 3.16 -7.11 -0.15
CA VAL A 15 3.02 -7.94 -1.34
C VAL A 15 1.73 -8.75 -1.30
N ASP A 16 1.22 -9.10 -2.47
CA ASP A 16 0.00 -9.88 -2.57
C ASP A 16 0.19 -11.09 -3.49
N ASN A 17 -0.86 -11.91 -3.61
CA ASN A 17 -0.80 -13.09 -4.45
C ASN A 17 -0.90 -12.72 -5.93
N MET A 18 0.11 -12.04 -6.43
CA MET A 18 0.15 -11.63 -7.82
C MET A 18 1.57 -11.39 -8.30
N GLY A 19 2.38 -10.76 -7.45
CA GLY A 19 3.77 -10.50 -7.81
C GLY A 19 4.07 -9.01 -7.87
N ARG A 20 3.36 -8.23 -7.05
CA ARG A 20 3.56 -6.79 -7.01
C ARG A 20 3.25 -6.24 -5.62
N ILE A 21 3.89 -5.13 -5.27
CA ILE A 21 3.69 -4.50 -3.98
C ILE A 21 2.95 -3.17 -4.13
N TYR A 22 1.88 -3.00 -3.36
CA TYR A 22 1.09 -1.77 -3.42
C TYR A 22 0.71 -1.31 -2.02
N TYR A 23 0.46 -0.01 -1.89
CA TYR A 23 0.08 0.56 -0.60
C TYR A 23 -1.43 0.59 -0.46
N VAL A 24 -1.97 -0.47 0.13
CA VAL A 24 -3.41 -0.59 0.33
C VAL A 24 -3.83 0.07 1.64
N ASP A 25 -4.91 0.84 1.58
CA ASP A 25 -5.43 1.53 2.75
C ASP A 25 -6.28 0.61 3.60
N HIS A 26 -5.69 0.02 4.64
CA HIS A 26 -6.40 -0.89 5.52
C HIS A 26 -7.59 -0.19 6.17
N PHE A 27 -7.48 1.14 6.31
CA PHE A 27 -8.55 1.93 6.91
C PHE A 27 -9.81 1.91 6.03
N THR A 28 -9.61 1.73 4.73
CA THR A 28 -10.74 1.68 3.79
C THR A 28 -10.81 0.35 3.07
N ARG A 29 -10.07 0.22 1.97
CA ARG A 29 -10.06 -1.02 1.18
C ARG A 29 -9.33 -0.82 -0.14
N THR A 30 -9.40 0.38 -0.69
CA THR A 30 -8.73 0.67 -1.95
C THR A 30 -7.22 0.68 -1.77
N THR A 31 -6.50 0.68 -2.88
CA THR A 31 -5.04 0.66 -2.82
C THR A 31 -4.43 1.79 -3.64
N THR A 32 -3.16 2.04 -3.38
CA THR A 32 -2.42 3.05 -4.10
C THR A 32 -1.02 2.54 -4.42
N TRP A 33 -0.66 2.61 -5.68
CA TRP A 33 0.62 2.15 -6.17
C TRP A 33 0.74 2.44 -7.66
N GLN A 34 -0.40 2.41 -8.34
CA GLN A 34 -0.46 2.66 -9.77
C GLN A 34 -0.58 4.15 -10.06
N ARG A 35 -0.09 4.56 -11.23
CA ARG A 35 -0.14 5.97 -11.62
C ARG A 35 -1.36 6.24 -12.52
N PRO A 36 -2.34 6.99 -12.00
CA PRO A 36 -3.56 7.32 -12.76
C PRO A 36 -3.28 8.26 -13.94
N THR A 37 -3.84 7.93 -15.09
CA THR A 37 -3.65 8.74 -16.29
C THR A 37 -4.47 8.18 -17.45
N LEU A 38 -5.10 9.09 -18.20
CA LEU A 38 -5.92 8.70 -19.35
C LEU A 38 -5.46 9.42 -20.61
N GLU A 39 -4.16 9.40 -20.86
CA GLU A 39 -3.58 10.05 -22.03
C GLU A 39 -4.17 11.44 -22.24
N GLY A 1 13.06 -3.10 23.03
CA GLY A 1 14.06 -2.00 23.19
C GLY A 1 14.16 -1.13 21.94
N ARG A 2 13.04 -0.97 21.25
CA ARG A 2 13.01 -0.15 20.04
C ARG A 2 11.70 0.63 19.95
N ALA A 3 11.75 1.78 19.28
CA ALA A 3 10.57 2.62 19.11
C ALA A 3 10.25 2.84 17.65
N MET A 4 8.95 2.80 17.32
CA MET A 4 8.50 2.99 15.95
C MET A 4 9.05 1.88 15.04
N GLY A 5 8.14 1.14 14.42
CA GLY A 5 8.53 0.06 13.53
C GLY A 5 7.51 -0.20 12.44
N PRO A 6 6.45 -0.96 12.75
CA PRO A 6 5.40 -1.29 11.78
C PRO A 6 4.75 -0.04 11.20
N LEU A 7 3.57 -0.20 10.62
CA LEU A 7 2.83 0.91 10.03
C LEU A 7 1.50 1.13 10.75
N PRO A 8 1.38 2.23 11.51
CA PRO A 8 0.13 2.54 12.22
C PRO A 8 -1.05 2.45 11.26
N PRO A 9 -2.25 2.15 11.77
CA PRO A 9 -3.44 2.04 10.94
C PRO A 9 -3.54 3.16 9.92
N GLY A 10 -4.09 2.85 8.76
CA GLY A 10 -4.21 3.83 7.70
C GLY A 10 -3.29 3.51 6.54
N TRP A 11 -2.07 3.08 6.87
CA TRP A 11 -1.08 2.71 5.87
C TRP A 11 -0.93 1.20 5.82
N GLU A 12 -1.03 0.63 4.63
CA GLU A 12 -0.92 -0.81 4.46
C GLU A 12 -0.32 -1.16 3.10
N ARG A 13 0.99 -1.35 3.04
CA ARG A 13 1.67 -1.68 1.80
C ARG A 13 2.39 -3.02 1.91
N ARG A 14 1.99 -3.98 1.08
CA ARG A 14 2.61 -5.30 1.10
C ARG A 14 2.58 -5.95 -0.28
N VAL A 15 2.95 -7.23 -0.33
CA VAL A 15 2.97 -7.97 -1.59
C VAL A 15 1.74 -8.86 -1.71
N ASP A 16 1.18 -8.90 -2.91
CA ASP A 16 -0.01 -9.72 -3.17
C ASP A 16 0.40 -11.12 -3.66
N ASN A 17 -0.59 -11.96 -3.94
CA ASN A 17 -0.32 -13.30 -4.41
C ASN A 17 0.23 -13.29 -5.84
N MET A 18 1.42 -12.71 -5.99
CA MET A 18 2.07 -12.62 -7.29
C MET A 18 3.52 -12.18 -7.15
N GLY A 19 3.73 -11.00 -6.57
CA GLY A 19 5.07 -10.48 -6.39
C GLY A 19 5.10 -8.98 -6.29
N ARG A 20 4.15 -8.32 -6.94
CA ARG A 20 4.08 -6.87 -6.93
C ARG A 20 3.67 -6.35 -5.55
N ILE A 21 4.10 -5.12 -5.23
CA ILE A 21 3.77 -4.51 -3.95
C ILE A 21 3.06 -3.17 -4.14
N TYR A 22 1.92 -3.02 -3.48
CA TYR A 22 1.15 -1.78 -3.57
C TYR A 22 0.89 -1.21 -2.19
N TYR A 23 0.53 0.06 -2.14
CA TYR A 23 0.24 0.72 -0.87
C TYR A 23 -1.27 0.81 -0.67
N VAL A 24 -1.84 -0.27 -0.14
CA VAL A 24 -3.27 -0.35 0.11
C VAL A 24 -3.64 0.30 1.43
N ASP A 25 -4.90 0.72 1.54
CA ASP A 25 -5.38 1.37 2.76
C ASP A 25 -6.28 0.41 3.55
N HIS A 26 -5.68 -0.31 4.50
CA HIS A 26 -6.41 -1.25 5.33
C HIS A 26 -7.58 -0.58 6.02
N PHE A 27 -7.46 0.72 6.26
CA PHE A 27 -8.51 1.47 6.92
C PHE A 27 -9.77 1.54 6.07
N THR A 28 -9.60 1.44 4.75
CA THR A 28 -10.73 1.48 3.83
C THR A 28 -10.81 0.21 2.99
N ARG A 29 -10.11 0.17 1.87
CA ARG A 29 -10.12 -0.99 0.99
C ARG A 29 -9.38 -0.71 -0.32
N THR A 30 -9.41 0.55 -0.76
CA THR A 30 -8.75 0.94 -1.99
C THR A 30 -7.24 0.89 -1.83
N THR A 31 -6.52 1.00 -2.94
CA THR A 31 -5.07 0.95 -2.91
C THR A 31 -4.45 2.06 -3.74
N THR A 32 -3.16 2.27 -3.51
CA THR A 32 -2.42 3.26 -4.24
C THR A 32 -1.02 2.72 -4.57
N TRP A 33 -0.78 2.57 -5.85
CA TRP A 33 0.48 2.06 -6.34
C TRP A 33 0.54 2.25 -7.87
N GLN A 34 -0.64 2.25 -8.48
CA GLN A 34 -0.77 2.41 -9.92
C GLN A 34 -1.22 3.82 -10.27
N ARG A 35 -0.78 4.33 -11.41
CA ARG A 35 -1.14 5.67 -11.85
C ARG A 35 -1.29 5.73 -13.37
N PRO A 36 -2.54 5.68 -13.87
CA PRO A 36 -2.81 5.72 -15.30
C PRO A 36 -2.96 7.15 -15.84
N THR A 37 -2.47 8.12 -15.07
CA THR A 37 -2.55 9.52 -15.47
C THR A 37 -1.80 10.42 -14.49
N LEU A 38 -1.06 11.38 -15.01
CA LEU A 38 -0.30 12.30 -14.18
C LEU A 38 -1.22 13.32 -13.52
N GLU A 39 -2.10 12.85 -12.66
CA GLU A 39 -3.03 13.72 -11.96
C GLU A 39 -2.58 13.99 -10.53
N GLY A 1 14.87 -7.40 19.24
CA GLY A 1 13.63 -6.77 18.70
C GLY A 1 13.89 -5.39 18.11
N ARG A 2 14.48 -5.36 16.91
CA ARG A 2 14.78 -4.12 16.24
C ARG A 2 13.52 -3.50 15.62
N ALA A 3 12.54 -4.34 15.33
CA ALA A 3 11.29 -3.88 14.74
C ALA A 3 10.56 -2.92 15.67
N MET A 4 10.54 -1.64 15.31
CA MET A 4 9.89 -0.63 16.12
C MET A 4 9.33 0.49 15.24
N GLY A 5 8.08 0.88 15.50
CA GLY A 5 7.45 1.93 14.73
C GLY A 5 6.86 1.42 13.43
N PRO A 6 6.05 0.35 13.48
CA PRO A 6 5.43 -0.23 12.29
C PRO A 6 4.23 0.58 11.80
N LEU A 7 3.93 0.48 10.52
CA LEU A 7 2.80 1.21 9.93
C LEU A 7 1.51 0.93 10.71
N PRO A 8 0.87 1.99 11.24
CA PRO A 8 -0.39 1.84 11.99
C PRO A 8 -1.49 1.28 11.10
N PRO A 9 -2.69 1.07 11.66
CA PRO A 9 -3.82 0.52 10.90
C PRO A 9 -4.35 1.51 9.86
N GLY A 10 -3.48 1.85 8.91
CA GLY A 10 -3.86 2.78 7.85
C GLY A 10 -3.00 2.57 6.62
N TRP A 11 -1.70 2.82 6.76
CA TRP A 11 -0.77 2.64 5.67
C TRP A 11 -0.42 1.17 5.54
N GLU A 12 -1.04 0.50 4.58
CA GLU A 12 -0.81 -0.93 4.37
C GLU A 12 -0.26 -1.21 2.98
N ARG A 13 1.06 -1.27 2.86
CA ARG A 13 1.69 -1.54 1.56
C ARG A 13 2.55 -2.79 1.63
N ARG A 14 2.14 -3.82 0.90
CA ARG A 14 2.88 -5.08 0.89
C ARG A 14 2.73 -5.78 -0.46
N VAL A 15 3.18 -7.03 -0.53
CA VAL A 15 3.09 -7.82 -1.75
C VAL A 15 1.77 -8.57 -1.82
N ASP A 16 1.33 -8.89 -3.03
CA ASP A 16 0.09 -9.61 -3.24
C ASP A 16 0.37 -11.03 -3.73
N ASN A 17 0.31 -12.00 -2.82
CA ASN A 17 0.54 -13.39 -3.15
C ASN A 17 2.01 -13.62 -3.52
N MET A 18 2.42 -13.06 -4.65
CA MET A 18 3.79 -13.20 -5.13
C MET A 18 4.00 -12.42 -6.43
N GLY A 19 3.39 -11.24 -6.51
CA GLY A 19 3.52 -10.42 -7.70
C GLY A 19 4.20 -9.10 -7.42
N ARG A 20 3.43 -8.02 -7.44
CA ARG A 20 3.97 -6.68 -7.19
C ARG A 20 3.54 -6.18 -5.83
N ILE A 21 4.07 -5.02 -5.44
CA ILE A 21 3.76 -4.42 -4.15
C ILE A 21 2.99 -3.12 -4.31
N TYR A 22 1.84 -3.02 -3.66
CA TYR A 22 1.02 -1.83 -3.73
C TYR A 22 0.81 -1.26 -2.34
N TYR A 23 0.31 -0.03 -2.26
CA TYR A 23 0.06 0.62 -0.99
C TYR A 23 -1.43 0.73 -0.73
N VAL A 24 -1.98 -0.30 -0.09
CA VAL A 24 -3.39 -0.35 0.23
C VAL A 24 -3.68 0.26 1.60
N ASP A 25 -4.89 0.77 1.76
CA ASP A 25 -5.29 1.38 3.02
C ASP A 25 -6.29 0.49 3.77
N HIS A 26 -5.91 0.09 4.98
CA HIS A 26 -6.76 -0.76 5.80
C HIS A 26 -7.96 0.01 6.35
N PHE A 27 -7.95 1.33 6.19
CA PHE A 27 -9.05 2.17 6.67
C PHE A 27 -10.00 2.55 5.54
N THR A 28 -9.50 2.54 4.31
CA THR A 28 -10.31 2.89 3.15
C THR A 28 -10.62 1.66 2.30
N ARG A 29 -9.76 0.66 2.36
CA ARG A 29 -9.92 -0.59 1.61
C ARG A 29 -9.31 -0.47 0.21
N THR A 30 -9.36 0.74 -0.36
CA THR A 30 -8.81 0.97 -1.69
C THR A 30 -7.28 0.88 -1.65
N THR A 31 -6.66 0.85 -2.82
CA THR A 31 -5.20 0.77 -2.87
C THR A 31 -4.60 1.85 -3.75
N THR A 32 -3.33 2.09 -3.54
CA THR A 32 -2.59 3.06 -4.31
C THR A 32 -1.22 2.49 -4.67
N TRP A 33 -0.94 2.47 -5.96
CA TRP A 33 0.29 1.95 -6.48
C TRP A 33 0.34 2.14 -8.00
N GLN A 34 -0.85 2.11 -8.59
CA GLN A 34 -1.00 2.27 -10.03
C GLN A 34 -0.91 3.74 -10.42
N ARG A 35 0.26 4.15 -10.91
CA ARG A 35 0.47 5.54 -11.32
C ARG A 35 0.20 5.71 -12.82
N PRO A 36 -0.35 6.87 -13.21
CA PRO A 36 -0.65 7.16 -14.62
C PRO A 36 0.57 6.99 -15.52
N THR A 37 0.45 7.43 -16.77
CA THR A 37 1.55 7.33 -17.72
C THR A 37 2.30 8.65 -17.82
N LEU A 38 1.65 9.65 -18.41
CA LEU A 38 2.27 10.96 -18.57
C LEU A 38 1.24 11.99 -19.04
N GLU A 39 -0.01 11.83 -18.59
CA GLU A 39 -1.07 12.74 -18.96
C GLU A 39 -1.81 13.26 -17.72
N GLY A 1 8.30 5.54 19.70
CA GLY A 1 8.84 6.86 19.28
C GLY A 1 9.53 6.80 17.94
N ARG A 2 9.06 5.92 17.06
CA ARG A 2 9.65 5.77 15.74
C ARG A 2 8.57 5.82 14.66
N ALA A 3 8.93 6.38 13.51
CA ALA A 3 7.99 6.50 12.39
C ALA A 3 8.53 5.80 11.14
N MET A 4 9.82 5.99 10.88
CA MET A 4 10.46 5.37 9.72
C MET A 4 10.61 3.87 9.91
N GLY A 5 9.61 3.11 9.46
CA GLY A 5 9.66 1.67 9.59
C GLY A 5 8.26 1.06 9.61
N PRO A 6 7.79 0.55 10.77
CA PRO A 6 6.47 -0.06 10.88
C PRO A 6 5.37 0.87 10.37
N LEU A 7 4.20 0.31 10.08
CA LEU A 7 3.08 1.09 9.59
C LEU A 7 1.81 0.80 10.39
N PRO A 8 1.52 1.61 11.42
CA PRO A 8 0.32 1.42 12.23
C PRO A 8 -0.92 1.34 11.34
N PRO A 9 -2.09 1.06 11.90
CA PRO A 9 -3.32 0.96 11.11
C PRO A 9 -3.49 2.14 10.17
N GLY A 10 -4.18 1.91 9.06
CA GLY A 10 -4.38 2.95 8.07
C GLY A 10 -3.53 2.73 6.84
N TRP A 11 -2.22 2.65 7.05
CA TRP A 11 -1.28 2.41 5.96
C TRP A 11 -1.03 0.91 5.83
N GLU A 12 -1.10 0.40 4.60
CA GLU A 12 -0.89 -1.03 4.37
C GLU A 12 -0.29 -1.29 2.99
N ARG A 13 1.04 -1.43 2.93
CA ARG A 13 1.71 -1.69 1.67
C ARG A 13 2.49 -3.01 1.71
N ARG A 14 2.06 -3.97 0.90
CA ARG A 14 2.72 -5.27 0.85
C ARG A 14 2.57 -5.89 -0.55
N VAL A 15 2.95 -7.15 -0.66
CA VAL A 15 2.87 -7.86 -1.94
C VAL A 15 1.68 -8.83 -1.96
N ASP A 16 1.15 -9.09 -3.15
CA ASP A 16 0.03 -10.01 -3.30
C ASP A 16 0.48 -11.36 -3.85
N ASN A 17 0.63 -12.32 -2.96
CA ASN A 17 1.07 -13.66 -3.35
C ASN A 17 2.51 -13.64 -3.85
N MET A 18 2.74 -12.98 -4.98
CA MET A 18 4.07 -12.89 -5.56
C MET A 18 4.07 -11.99 -6.79
N GLY A 19 3.30 -10.91 -6.73
CA GLY A 19 3.23 -9.99 -7.85
C GLY A 19 4.02 -8.72 -7.61
N ARG A 20 3.31 -7.63 -7.32
CA ARG A 20 3.96 -6.34 -7.08
C ARG A 20 3.54 -5.78 -5.72
N ILE A 21 4.33 -4.85 -5.21
CA ILE A 21 4.04 -4.23 -3.92
C ILE A 21 3.23 -2.95 -4.09
N TYR A 22 2.00 -2.97 -3.57
CA TYR A 22 1.13 -1.81 -3.66
C TYR A 22 0.82 -1.25 -2.28
N TYR A 23 0.50 0.03 -2.21
CA TYR A 23 0.20 0.66 -0.94
C TYR A 23 -1.31 0.78 -0.76
N VAL A 24 -1.88 -0.22 -0.10
CA VAL A 24 -3.32 -0.24 0.14
C VAL A 24 -3.63 0.33 1.52
N ASP A 25 -4.83 0.88 1.66
CA ASP A 25 -5.26 1.48 2.92
C ASP A 25 -5.91 0.42 3.82
N HIS A 26 -6.15 0.78 5.06
CA HIS A 26 -6.76 -0.14 6.02
C HIS A 26 -8.14 0.36 6.46
N PHE A 27 -8.43 1.63 6.20
CA PHE A 27 -9.71 2.23 6.57
C PHE A 27 -10.56 2.54 5.34
N THR A 28 -9.92 2.62 4.18
CA THR A 28 -10.63 2.91 2.94
C THR A 28 -10.84 1.64 2.11
N ARG A 29 -9.90 0.71 2.23
CA ARG A 29 -9.96 -0.57 1.50
C ARG A 29 -9.34 -0.45 0.11
N THR A 30 -9.40 0.75 -0.47
CA THR A 30 -8.83 0.97 -1.80
C THR A 30 -7.31 0.91 -1.74
N THR A 31 -6.68 0.80 -2.89
CA THR A 31 -5.21 0.74 -2.93
C THR A 31 -4.62 1.82 -3.80
N THR A 32 -3.34 2.05 -3.58
CA THR A 32 -2.60 3.02 -4.36
C THR A 32 -1.22 2.46 -4.71
N TRP A 33 -0.95 2.42 -5.99
CA TRP A 33 0.30 1.88 -6.50
C TRP A 33 0.33 2.03 -8.02
N GLN A 34 -0.85 1.98 -8.61
CA GLN A 34 -1.00 2.09 -10.05
C GLN A 34 -1.00 3.55 -10.49
N ARG A 35 0.03 3.93 -11.26
CA ARG A 35 0.14 5.31 -11.74
C ARG A 35 -0.90 5.59 -12.81
N PRO A 36 -1.30 6.87 -12.97
CA PRO A 36 -2.30 7.28 -13.96
C PRO A 36 -1.77 7.18 -15.38
N THR A 37 -2.53 6.52 -16.25
CA THR A 37 -2.13 6.36 -17.65
C THR A 37 -2.24 7.69 -18.40
N LEU A 38 -3.45 8.24 -18.44
CA LEU A 38 -3.68 9.52 -19.13
C LEU A 38 -3.20 9.45 -20.58
N GLU A 39 -3.28 8.26 -21.17
CA GLU A 39 -2.86 8.07 -22.55
C GLU A 39 -3.98 7.43 -23.37
N GLY A 1 0.04 3.39 20.69
CA GLY A 1 0.84 3.13 21.91
C GLY A 1 2.29 2.84 21.60
N ARG A 2 2.52 1.94 20.64
CA ARG A 2 3.88 1.58 20.25
C ARG A 2 4.04 1.65 18.73
N ALA A 3 4.61 2.74 18.25
CA ALA A 3 4.82 2.92 16.81
C ALA A 3 5.91 3.96 16.55
N MET A 4 7.05 3.50 16.06
CA MET A 4 8.17 4.39 15.76
C MET A 4 9.00 3.84 14.60
N GLY A 5 8.34 3.17 13.67
CA GLY A 5 9.02 2.61 12.53
C GLY A 5 8.07 1.94 11.54
N PRO A 6 7.37 0.88 11.98
CA PRO A 6 6.42 0.16 11.12
C PRO A 6 5.29 1.06 10.64
N LEU A 7 4.22 0.43 10.14
CA LEU A 7 3.07 1.19 9.64
C LEU A 7 1.83 0.91 10.49
N PRO A 8 1.21 1.96 11.06
CA PRO A 8 0.01 1.81 11.87
C PRO A 8 -1.08 1.07 11.12
N PRO A 9 -2.29 0.94 11.69
CA PRO A 9 -3.40 0.26 11.04
C PRO A 9 -4.10 1.13 10.01
N GLY A 10 -3.31 1.66 9.06
CA GLY A 10 -3.85 2.50 8.02
C GLY A 10 -3.05 2.35 6.74
N TRP A 11 -1.77 2.66 6.81
CA TRP A 11 -0.88 2.53 5.66
C TRP A 11 -0.46 1.07 5.51
N GLU A 12 -1.10 0.36 4.60
CA GLU A 12 -0.80 -1.05 4.40
C GLU A 12 -0.26 -1.31 3.00
N ARG A 13 1.06 -1.35 2.88
CA ARG A 13 1.71 -1.60 1.59
C ARG A 13 2.51 -2.89 1.62
N ARG A 14 2.07 -3.87 0.83
CA ARG A 14 2.76 -5.16 0.77
C ARG A 14 2.62 -5.78 -0.62
N VAL A 15 3.11 -7.01 -0.77
CA VAL A 15 3.04 -7.70 -2.05
C VAL A 15 1.94 -8.76 -2.04
N ASP A 16 1.17 -8.80 -3.12
CA ASP A 16 0.08 -9.77 -3.24
C ASP A 16 0.62 -11.15 -3.60
N ASN A 17 0.53 -12.08 -2.66
CA ASN A 17 1.00 -13.44 -2.88
C ASN A 17 2.52 -13.46 -3.07
N MET A 18 2.97 -13.05 -4.25
CA MET A 18 4.40 -13.01 -4.55
C MET A 18 4.64 -12.30 -5.88
N GLY A 19 3.95 -11.19 -6.09
CA GLY A 19 4.11 -10.44 -7.32
C GLY A 19 4.56 -9.01 -7.08
N ARG A 20 3.67 -8.05 -7.37
CA ARG A 20 3.99 -6.64 -7.17
C ARG A 20 3.59 -6.18 -5.77
N ILE A 21 4.06 -5.00 -5.39
CA ILE A 21 3.76 -4.44 -4.08
C ILE A 21 3.02 -3.12 -4.20
N TYR A 22 1.80 -3.07 -3.67
CA TYR A 22 0.99 -1.86 -3.72
C TYR A 22 0.74 -1.32 -2.33
N TYR A 23 0.34 -0.06 -2.24
CA TYR A 23 0.07 0.56 -0.95
C TYR A 23 -1.43 0.67 -0.72
N VAL A 24 -1.97 -0.35 -0.05
CA VAL A 24 -3.40 -0.40 0.25
C VAL A 24 -3.69 0.17 1.64
N ASP A 25 -4.89 0.70 1.80
CA ASP A 25 -5.31 1.29 3.06
C ASP A 25 -6.13 0.30 3.88
N HIS A 26 -6.44 0.66 5.11
CA HIS A 26 -7.21 -0.20 6.00
C HIS A 26 -8.58 0.40 6.30
N PHE A 27 -8.66 1.73 6.28
CA PHE A 27 -9.92 2.42 6.56
C PHE A 27 -10.69 2.67 5.27
N THR A 28 -9.98 2.84 4.16
CA THR A 28 -10.60 3.11 2.87
C THR A 28 -10.77 1.81 2.08
N ARG A 29 -9.87 0.84 2.32
CA ARG A 29 -9.91 -0.45 1.63
C ARG A 29 -9.30 -0.37 0.23
N THR A 30 -9.35 0.82 -0.38
CA THR A 30 -8.77 1.00 -1.70
C THR A 30 -7.25 0.93 -1.65
N THR A 31 -6.62 0.85 -2.81
CA THR A 31 -5.16 0.76 -2.86
C THR A 31 -4.57 1.84 -3.73
N THR A 32 -3.28 2.08 -3.52
CA THR A 32 -2.56 3.05 -4.29
C THR A 32 -1.18 2.49 -4.65
N TRP A 33 -0.89 2.50 -5.93
CA TRP A 33 0.36 1.98 -6.44
C TRP A 33 0.43 2.19 -7.95
N GLN A 34 -0.75 2.18 -8.57
CA GLN A 34 -0.88 2.36 -10.01
C GLN A 34 -1.15 3.82 -10.35
N ARG A 35 -1.28 4.11 -11.64
CA ARG A 35 -1.54 5.47 -12.09
C ARG A 35 -3.04 5.71 -12.25
N PRO A 36 -3.48 6.98 -12.16
CA PRO A 36 -4.89 7.34 -12.29
C PRO A 36 -5.40 7.16 -13.72
N THR A 37 -6.69 6.86 -13.83
CA THR A 37 -7.31 6.66 -15.15
C THR A 37 -7.57 8.00 -15.83
N LEU A 38 -6.61 8.45 -16.62
CA LEU A 38 -6.74 9.72 -17.33
C LEU A 38 -7.52 9.53 -18.63
N GLU A 39 -8.75 9.06 -18.51
CA GLU A 39 -9.60 8.83 -19.67
C GLU A 39 -11.08 8.97 -19.31
N GLY A 1 14.51 2.47 18.63
CA GLY A 1 14.04 1.07 18.44
C GLY A 1 14.74 0.37 17.29
N ARG A 2 14.57 -0.95 17.21
CA ARG A 2 15.19 -1.73 16.15
C ARG A 2 14.12 -2.40 15.29
N ALA A 3 13.12 -2.98 15.92
CA ALA A 3 12.03 -3.65 15.21
C ALA A 3 10.72 -2.89 15.36
N MET A 4 10.56 -2.23 16.50
CA MET A 4 9.34 -1.47 16.78
C MET A 4 9.18 -0.32 15.79
N GLY A 5 8.62 -0.60 14.63
CA GLY A 5 8.42 0.43 13.62
C GLY A 5 7.46 0.00 12.53
N PRO A 6 6.26 -0.48 12.90
CA PRO A 6 5.25 -0.93 11.94
C PRO A 6 4.48 0.24 11.33
N LEU A 7 3.35 -0.07 10.68
CA LEU A 7 2.52 0.95 10.06
C LEU A 7 1.17 1.04 10.76
N PRO A 8 0.86 2.19 11.40
CA PRO A 8 -0.42 2.38 12.08
C PRO A 8 -1.58 1.95 11.19
N PRO A 9 -2.62 1.33 11.77
CA PRO A 9 -3.78 0.88 11.01
C PRO A 9 -4.27 1.92 10.00
N GLY A 10 -3.77 1.80 8.78
CA GLY A 10 -4.13 2.72 7.72
C GLY A 10 -3.22 2.55 6.53
N TRP A 11 -1.93 2.79 6.74
CA TRP A 11 -0.93 2.64 5.70
C TRP A 11 -0.52 1.19 5.59
N GLU A 12 -0.62 0.61 4.40
CA GLU A 12 -0.25 -0.79 4.22
C GLU A 12 0.36 -1.05 2.85
N ARG A 13 1.68 -1.11 2.81
CA ARG A 13 2.40 -1.38 1.57
C ARG A 13 2.91 -2.82 1.57
N ARG A 14 2.19 -3.69 0.89
CA ARG A 14 2.55 -5.09 0.84
C ARG A 14 2.34 -5.67 -0.56
N VAL A 15 2.70 -6.94 -0.74
CA VAL A 15 2.55 -7.61 -2.02
C VAL A 15 1.71 -8.88 -1.88
N ASP A 16 0.77 -9.07 -2.79
CA ASP A 16 -0.09 -10.25 -2.77
C ASP A 16 0.69 -11.51 -3.17
N ASN A 17 0.12 -12.67 -2.87
CA ASN A 17 0.76 -13.94 -3.19
C ASN A 17 1.25 -13.97 -4.64
N MET A 18 0.57 -13.22 -5.50
CA MET A 18 0.94 -13.16 -6.91
C MET A 18 0.62 -11.78 -7.50
N GLY A 19 1.57 -10.87 -7.41
CA GLY A 19 1.38 -9.54 -7.94
C GLY A 19 2.54 -8.61 -7.66
N ARG A 20 2.25 -7.39 -7.22
CA ARG A 20 3.28 -6.41 -6.92
C ARG A 20 2.98 -5.71 -5.60
N ILE A 21 4.00 -5.06 -5.04
CA ILE A 21 3.84 -4.36 -3.78
C ILE A 21 3.10 -3.04 -3.97
N TYR A 22 1.84 -3.01 -3.54
CA TYR A 22 1.02 -1.81 -3.67
C TYR A 22 0.63 -1.29 -2.29
N TYR A 23 0.68 0.03 -2.14
CA TYR A 23 0.34 0.66 -0.87
C TYR A 23 -1.17 0.76 -0.71
N VAL A 24 -1.74 -0.25 -0.08
CA VAL A 24 -3.19 -0.29 0.13
C VAL A 24 -3.55 0.32 1.49
N ASP A 25 -4.56 1.17 1.48
CA ASP A 25 -5.01 1.83 2.70
C ASP A 25 -5.98 0.96 3.48
N HIS A 26 -5.49 0.34 4.55
CA HIS A 26 -6.31 -0.52 5.38
C HIS A 26 -7.49 0.26 5.98
N PHE A 27 -7.36 1.59 6.01
CA PHE A 27 -8.40 2.44 6.56
C PHE A 27 -9.75 2.17 5.88
N THR A 28 -9.70 1.69 4.64
CA THR A 28 -10.92 1.40 3.89
C THR A 28 -10.79 0.08 3.12
N ARG A 29 -10.31 0.15 1.88
CA ARG A 29 -10.17 -1.04 1.05
C ARG A 29 -9.40 -0.75 -0.25
N THR A 30 -9.46 0.50 -0.73
CA THR A 30 -8.78 0.86 -1.97
C THR A 30 -7.27 0.83 -1.79
N THR A 31 -6.55 0.90 -2.90
CA THR A 31 -5.10 0.87 -2.86
C THR A 31 -4.48 1.97 -3.68
N THR A 32 -3.20 2.19 -3.47
CA THR A 32 -2.47 3.19 -4.22
C THR A 32 -1.09 2.64 -4.59
N TRP A 33 -0.85 2.57 -5.88
CA TRP A 33 0.39 2.05 -6.41
C TRP A 33 0.45 2.30 -7.91
N GLN A 34 -0.73 2.36 -8.53
CA GLN A 34 -0.86 2.57 -9.96
C GLN A 34 -1.05 4.06 -10.26
N ARG A 35 -0.89 4.43 -11.53
CA ARG A 35 -1.05 5.82 -11.95
C ARG A 35 -1.77 5.91 -13.29
N PRO A 36 -2.71 6.85 -13.44
CA PRO A 36 -3.46 7.03 -14.69
C PRO A 36 -2.58 7.59 -15.81
N THR A 37 -3.10 7.55 -17.04
CA THR A 37 -2.37 8.04 -18.20
C THR A 37 -2.75 9.49 -18.50
N LEU A 38 -4.05 9.77 -18.49
CA LEU A 38 -4.54 11.12 -18.76
C LEU A 38 -5.81 11.39 -17.98
N GLU A 39 -6.43 12.55 -18.25
CA GLU A 39 -7.65 12.93 -17.57
C GLU A 39 -7.44 13.05 -16.06
N GLY A 1 17.36 4.73 5.93
CA GLY A 1 16.74 4.66 4.57
C GLY A 1 15.56 5.61 4.43
N ARG A 2 15.00 5.68 3.23
CA ARG A 2 13.87 6.55 2.97
C ARG A 2 12.59 5.98 3.57
N ALA A 3 12.07 6.65 4.60
CA ALA A 3 10.85 6.20 5.27
C ALA A 3 11.03 4.82 5.88
N MET A 4 11.60 4.76 7.07
CA MET A 4 11.82 3.50 7.77
C MET A 4 11.09 3.45 9.09
N GLY A 5 10.20 2.47 9.24
CA GLY A 5 9.44 2.34 10.46
C GLY A 5 8.10 1.67 10.25
N PRO A 6 7.51 1.06 11.30
CA PRO A 6 6.22 0.39 11.19
C PRO A 6 5.14 1.28 10.59
N LEU A 7 3.93 0.74 10.44
CA LEU A 7 2.83 1.50 9.88
C LEU A 7 1.55 1.30 10.70
N PRO A 8 0.95 2.38 11.21
CA PRO A 8 -0.28 2.29 12.00
C PRO A 8 -1.37 1.56 11.22
N PRO A 9 -2.52 1.27 11.85
CA PRO A 9 -3.63 0.57 11.20
C PRO A 9 -4.28 1.43 10.12
N GLY A 10 -3.51 1.76 9.10
CA GLY A 10 -4.01 2.57 7.99
C GLY A 10 -3.16 2.39 6.75
N TRP A 11 -1.90 2.81 6.85
CA TRP A 11 -0.96 2.68 5.75
C TRP A 11 -0.48 1.23 5.67
N GLU A 12 -0.94 0.51 4.65
CA GLU A 12 -0.56 -0.89 4.49
C GLU A 12 -0.06 -1.18 3.08
N ARG A 13 1.26 -1.20 2.91
CA ARG A 13 1.85 -1.50 1.61
C ARG A 13 2.73 -2.75 1.69
N ARG A 14 2.31 -3.80 1.00
CA ARG A 14 3.05 -5.05 0.99
C ARG A 14 2.90 -5.78 -0.33
N VAL A 15 3.53 -6.95 -0.43
CA VAL A 15 3.48 -7.74 -1.65
C VAL A 15 2.14 -8.48 -1.77
N ASP A 16 1.74 -8.74 -3.02
CA ASP A 16 0.48 -9.43 -3.27
C ASP A 16 0.74 -10.78 -3.94
N ASN A 17 -0.26 -11.66 -3.90
CA ASN A 17 -0.14 -12.98 -4.50
C ASN A 17 0.20 -12.88 -5.97
N MET A 18 -0.22 -11.79 -6.61
CA MET A 18 0.04 -11.56 -8.02
C MET A 18 1.53 -11.43 -8.29
N GLY A 19 2.25 -10.87 -7.32
CA GLY A 19 3.68 -10.69 -7.47
C GLY A 19 4.10 -9.23 -7.53
N ARG A 20 3.30 -8.38 -6.89
CA ARG A 20 3.59 -6.94 -6.86
C ARG A 20 3.29 -6.35 -5.49
N ILE A 21 3.93 -5.23 -5.17
CA ILE A 21 3.73 -4.57 -3.89
C ILE A 21 2.99 -3.26 -4.06
N TYR A 22 1.77 -3.19 -3.53
CA TYR A 22 0.97 -1.97 -3.61
C TYR A 22 0.71 -1.40 -2.23
N TYR A 23 0.39 -0.12 -2.17
CA TYR A 23 0.12 0.54 -0.89
C TYR A 23 -1.38 0.61 -0.63
N VAL A 24 -1.89 -0.43 0.02
CA VAL A 24 -3.31 -0.51 0.34
C VAL A 24 -3.59 0.14 1.69
N ASP A 25 -4.67 0.90 1.74
CA ASP A 25 -5.06 1.59 2.98
C ASP A 25 -6.02 0.74 3.79
N HIS A 26 -5.92 0.85 5.12
CA HIS A 26 -6.78 0.10 6.01
C HIS A 26 -8.14 0.79 6.15
N PHE A 27 -8.10 2.10 6.37
CA PHE A 27 -9.34 2.88 6.51
C PHE A 27 -10.18 2.73 5.24
N THR A 28 -9.52 2.40 4.14
CA THR A 28 -10.20 2.21 2.86
C THR A 28 -9.64 0.99 2.14
N ARG A 29 -10.47 -0.04 2.02
CA ARG A 29 -10.07 -1.28 1.35
C ARG A 29 -9.40 -1.05 0.00
N THR A 30 -9.49 0.17 -0.53
CA THR A 30 -8.87 0.48 -1.81
C THR A 30 -7.35 0.48 -1.67
N THR A 31 -6.66 0.47 -2.80
CA THR A 31 -5.20 0.45 -2.79
C THR A 31 -4.62 1.56 -3.63
N THR A 32 -3.34 1.81 -3.41
CA THR A 32 -2.62 2.82 -4.15
C THR A 32 -1.24 2.30 -4.53
N TRP A 33 -0.94 2.35 -5.81
CA TRP A 33 0.32 1.87 -6.35
C TRP A 33 0.37 2.13 -7.85
N GLN A 34 -0.81 2.11 -8.47
CA GLN A 34 -0.94 2.33 -9.91
C GLN A 34 -0.94 3.82 -10.23
N ARG A 35 -0.07 4.22 -11.16
CA ARG A 35 0.03 5.61 -11.56
C ARG A 35 -1.03 5.97 -12.60
N PRO A 36 -1.50 7.23 -12.62
CA PRO A 36 -2.51 7.68 -13.57
C PRO A 36 -2.11 7.41 -15.01
N THR A 37 -3.10 7.28 -15.88
CA THR A 37 -2.85 7.01 -17.29
C THR A 37 -3.10 8.26 -18.14
N LEU A 38 -4.37 8.61 -18.30
CA LEU A 38 -4.74 9.79 -19.08
C LEU A 38 -6.25 10.02 -19.03
N GLU A 39 -6.85 9.74 -17.87
CA GLU A 39 -8.28 9.93 -17.69
C GLU A 39 -8.60 11.36 -17.25
N GLY A 1 13.82 1.01 19.34
CA GLY A 1 12.98 1.05 18.11
C GLY A 1 12.98 2.42 17.46
N ARG A 2 13.68 2.55 16.34
CA ARG A 2 13.76 3.82 15.62
C ARG A 2 12.56 4.00 14.70
N ALA A 3 11.66 3.02 14.67
CA ALA A 3 10.47 3.09 13.83
C ALA A 3 10.84 3.17 12.35
N MET A 4 11.15 2.03 11.76
CA MET A 4 11.52 1.97 10.35
C MET A 4 11.16 0.62 9.74
N GLY A 5 9.85 0.38 9.59
CA GLY A 5 9.40 -0.88 9.04
C GLY A 5 7.90 -1.07 9.17
N PRO A 6 7.38 -1.11 10.41
CA PRO A 6 5.94 -1.29 10.67
C PRO A 6 5.13 -0.12 10.14
N LEU A 7 3.80 -0.25 10.22
CA LEU A 7 2.89 0.78 9.75
C LEU A 7 1.58 0.75 10.53
N PRO A 8 1.37 1.71 11.45
CA PRO A 8 0.12 1.77 12.22
C PRO A 8 -1.08 1.69 11.29
N PRO A 9 -2.29 1.49 11.83
CA PRO A 9 -3.50 1.40 11.00
C PRO A 9 -3.62 2.60 10.06
N GLY A 10 -4.20 2.35 8.90
CA GLY A 10 -4.35 3.40 7.90
C GLY A 10 -3.46 3.16 6.71
N TRP A 11 -2.20 2.86 6.98
CA TRP A 11 -1.23 2.57 5.93
C TRP A 11 -0.99 1.06 5.84
N GLU A 12 -1.07 0.51 4.64
CA GLU A 12 -0.87 -0.93 4.46
C GLU A 12 -0.30 -1.23 3.08
N ARG A 13 1.03 -1.31 3.00
CA ARG A 13 1.70 -1.61 1.73
C ARG A 13 2.37 -2.98 1.79
N ARG A 14 1.94 -3.87 0.90
CA ARG A 14 2.50 -5.22 0.84
C ARG A 14 2.45 -5.77 -0.58
N VAL A 15 3.00 -6.97 -0.76
CA VAL A 15 3.02 -7.60 -2.07
C VAL A 15 2.09 -8.81 -2.10
N ASP A 16 1.28 -8.89 -3.16
CA ASP A 16 0.33 -9.98 -3.32
C ASP A 16 1.08 -11.31 -3.49
N ASN A 17 0.35 -12.41 -3.45
CA ASN A 17 0.93 -13.73 -3.59
C ASN A 17 1.68 -13.86 -4.92
N MET A 18 1.22 -13.10 -5.92
CA MET A 18 1.84 -13.13 -7.24
C MET A 18 1.56 -11.84 -8.00
N GLY A 19 2.37 -10.82 -7.75
CA GLY A 19 2.18 -9.54 -8.42
C GLY A 19 3.26 -8.54 -8.06
N ARG A 20 2.86 -7.49 -7.34
CA ARG A 20 3.80 -6.45 -6.92
C ARG A 20 3.38 -5.84 -5.59
N ILE A 21 4.24 -5.00 -5.04
CA ILE A 21 3.95 -4.35 -3.77
C ILE A 21 3.15 -3.08 -3.97
N TYR A 22 1.92 -3.07 -3.45
CA TYR A 22 1.05 -1.91 -3.57
C TYR A 22 0.68 -1.38 -2.19
N TYR A 23 0.50 -0.07 -2.10
CA TYR A 23 0.14 0.56 -0.83
C TYR A 23 -1.38 0.66 -0.70
N VAL A 24 -1.97 -0.31 -0.02
CA VAL A 24 -3.41 -0.34 0.18
C VAL A 24 -3.78 0.32 1.51
N ASP A 25 -4.96 0.93 1.55
CA ASP A 25 -5.42 1.61 2.75
C ASP A 25 -6.31 0.69 3.58
N HIS A 26 -5.88 0.42 4.81
CA HIS A 26 -6.63 -0.43 5.72
C HIS A 26 -7.85 0.30 6.26
N PHE A 27 -7.72 1.61 6.42
CA PHE A 27 -8.81 2.43 6.93
C PHE A 27 -10.01 2.41 5.98
N THR A 28 -9.76 2.08 4.72
CA THR A 28 -10.82 2.03 3.72
C THR A 28 -10.85 0.67 3.02
N ARG A 29 -10.12 0.55 1.91
CA ARG A 29 -10.07 -0.71 1.16
C ARG A 29 -9.37 -0.52 -0.18
N THR A 30 -9.40 0.70 -0.71
CA THR A 30 -8.76 0.99 -1.99
C THR A 30 -7.25 0.92 -1.85
N THR A 31 -6.56 0.88 -2.98
CA THR A 31 -5.11 0.82 -2.98
C THR A 31 -4.48 1.89 -3.85
N THR A 32 -3.21 2.12 -3.60
CA THR A 32 -2.44 3.08 -4.37
C THR A 32 -1.08 2.47 -4.70
N TRP A 33 -0.82 2.37 -5.99
CA TRP A 33 0.42 1.80 -6.48
C TRP A 33 0.48 1.95 -8.00
N GLN A 34 -0.70 1.94 -8.61
CA GLN A 34 -0.82 2.07 -10.06
C GLN A 34 -0.86 3.53 -10.48
N ARG A 35 -0.79 3.78 -11.79
CA ARG A 35 -0.83 5.14 -12.31
C ARG A 35 -1.45 5.16 -13.70
N PRO A 36 -2.75 5.53 -13.81
CA PRO A 36 -3.45 5.60 -15.09
C PRO A 36 -2.74 6.50 -16.09
N THR A 37 -1.79 5.94 -16.83
CA THR A 37 -1.04 6.69 -17.82
C THR A 37 -1.63 6.51 -19.22
N LEU A 38 -2.25 5.36 -19.44
CA LEU A 38 -2.86 5.06 -20.74
C LEU A 38 -4.36 5.33 -20.71
N GLU A 39 -4.76 6.34 -19.94
CA GLU A 39 -6.16 6.73 -19.83
C GLU A 39 -6.33 8.24 -19.84
N GLY A 1 1.56 -8.25 11.86
CA GLY A 1 2.65 -8.76 10.98
C GLY A 1 3.57 -7.65 10.50
N ARG A 2 4.02 -6.80 11.42
CA ARG A 2 4.91 -5.70 11.08
C ARG A 2 6.36 -6.06 11.38
N ALA A 3 6.76 -7.26 10.97
CA ALA A 3 8.12 -7.73 11.20
C ALA A 3 9.15 -6.78 10.55
N MET A 4 8.78 -6.24 9.40
CA MET A 4 9.65 -5.32 8.67
C MET A 4 8.86 -4.15 8.11
N GLY A 5 8.98 -2.99 8.74
CA GLY A 5 8.28 -1.81 8.30
C GLY A 5 7.02 -1.53 9.12
N PRO A 6 7.11 -0.61 10.10
CA PRO A 6 5.98 -0.26 10.95
C PRO A 6 5.01 0.71 10.27
N LEU A 7 3.71 0.45 10.43
CA LEU A 7 2.68 1.30 9.84
C LEU A 7 1.38 1.19 10.64
N PRO A 8 0.76 2.34 10.98
CA PRO A 8 -0.50 2.36 11.72
C PRO A 8 -1.59 1.66 10.92
N PRO A 9 -2.79 1.48 11.51
CA PRO A 9 -3.89 0.82 10.82
C PRO A 9 -4.47 1.67 9.70
N GLY A 10 -3.62 1.95 8.72
CA GLY A 10 -4.04 2.76 7.58
C GLY A 10 -3.12 2.53 6.39
N TRP A 11 -1.86 2.91 6.55
CA TRP A 11 -0.86 2.72 5.52
C TRP A 11 -0.44 1.26 5.48
N GLU A 12 -0.74 0.56 4.40
CA GLU A 12 -0.39 -0.86 4.30
C GLU A 12 0.18 -1.20 2.93
N ARG A 13 1.49 -1.18 2.81
CA ARG A 13 2.17 -1.51 1.56
C ARG A 13 2.80 -2.89 1.68
N ARG A 14 2.21 -3.87 0.99
CA ARG A 14 2.71 -5.23 1.04
C ARG A 14 2.64 -5.89 -0.34
N VAL A 15 2.88 -7.19 -0.37
CA VAL A 15 2.85 -7.94 -1.63
C VAL A 15 1.48 -8.60 -1.84
N ASP A 16 1.26 -9.09 -3.06
CA ASP A 16 0.01 -9.75 -3.40
C ASP A 16 0.26 -11.01 -4.21
N ASN A 17 -0.19 -12.15 -3.68
CA ASN A 17 0.00 -13.44 -4.35
C ASN A 17 1.45 -13.64 -4.74
N MET A 18 2.36 -13.07 -3.96
CA MET A 18 3.80 -13.18 -4.23
C MET A 18 4.16 -12.50 -5.53
N GLY A 19 3.82 -11.22 -5.65
CA GLY A 19 4.12 -10.48 -6.85
C GLY A 19 4.61 -9.07 -6.57
N ARG A 20 3.91 -8.07 -7.10
CA ARG A 20 4.27 -6.68 -6.90
C ARG A 20 3.79 -6.20 -5.54
N ILE A 21 4.20 -4.99 -5.16
CA ILE A 21 3.81 -4.41 -3.89
C ILE A 21 3.01 -3.13 -4.09
N TYR A 22 1.91 -3.00 -3.36
CA TYR A 22 1.05 -1.83 -3.44
C TYR A 22 0.68 -1.33 -2.05
N TYR A 23 0.51 -0.03 -1.92
CA TYR A 23 0.14 0.57 -0.65
C TYR A 23 -1.37 0.63 -0.51
N VAL A 24 -1.93 -0.41 0.09
CA VAL A 24 -3.37 -0.51 0.29
C VAL A 24 -3.78 0.13 1.62
N ASP A 25 -4.75 1.04 1.55
CA ASP A 25 -5.23 1.73 2.74
C ASP A 25 -6.15 0.84 3.57
N HIS A 26 -5.71 0.51 4.78
CA HIS A 26 -6.50 -0.32 5.67
C HIS A 26 -7.69 0.44 6.23
N PHE A 27 -7.55 1.76 6.31
CA PHE A 27 -8.61 2.61 6.83
C PHE A 27 -9.89 2.45 6.01
N THR A 28 -9.74 2.05 4.76
CA THR A 28 -10.88 1.87 3.87
C THR A 28 -10.86 0.49 3.21
N ARG A 29 -10.19 0.39 2.06
CA ARG A 29 -10.10 -0.88 1.34
C ARG A 29 -9.39 -0.70 0.00
N THR A 30 -9.44 0.50 -0.57
CA THR A 30 -8.80 0.77 -1.84
C THR A 30 -7.28 0.74 -1.69
N THR A 31 -6.58 0.77 -2.82
CA THR A 31 -5.13 0.74 -2.79
C THR A 31 -4.52 1.84 -3.64
N THR A 32 -3.24 2.07 -3.40
CA THR A 32 -2.50 3.05 -4.15
C THR A 32 -1.12 2.50 -4.50
N TRP A 33 -0.85 2.46 -5.78
CA TRP A 33 0.40 1.94 -6.30
C TRP A 33 0.45 2.15 -7.80
N GLN A 34 -0.73 2.13 -8.43
CA GLN A 34 -0.86 2.31 -9.86
C GLN A 34 -1.46 3.68 -10.19
N ARG A 35 -0.61 4.63 -10.56
CA ARG A 35 -1.06 5.98 -10.88
C ARG A 35 -1.38 6.10 -12.37
N PRO A 36 -2.68 6.23 -12.72
CA PRO A 36 -3.11 6.36 -14.11
C PRO A 36 -2.82 7.74 -14.68
N THR A 37 -1.69 7.87 -15.37
CA THR A 37 -1.30 9.15 -15.95
C THR A 37 -2.29 9.57 -17.04
N LEU A 38 -2.61 8.64 -17.94
CA LEU A 38 -3.55 8.92 -19.01
C LEU A 38 -3.14 10.15 -19.80
N GLU A 39 -1.88 10.19 -20.23
CA GLU A 39 -1.36 11.33 -20.99
C GLU A 39 -0.39 10.86 -22.07
N GLY A 1 8.87 9.53 6.26
CA GLY A 1 9.21 8.88 4.97
C GLY A 1 10.55 8.19 5.01
N ARG A 2 11.63 8.98 4.93
CA ARG A 2 12.97 8.43 4.95
C ARG A 2 13.30 7.83 6.32
N ALA A 3 13.86 6.62 6.32
CA ALA A 3 14.21 5.93 7.55
C ALA A 3 12.97 5.68 8.41
N MET A 4 12.29 4.57 8.16
CA MET A 4 11.09 4.21 8.91
C MET A 4 11.04 2.71 9.17
N GLY A 5 9.98 2.27 9.83
CA GLY A 5 9.83 0.85 10.13
C GLY A 5 8.42 0.35 9.90
N PRO A 6 7.60 0.25 10.96
CA PRO A 6 6.21 -0.23 10.84
C PRO A 6 5.30 0.82 10.21
N LEU A 7 4.01 0.50 10.17
CA LEU A 7 3.02 1.40 9.58
C LEU A 7 1.73 1.40 10.41
N PRO A 8 1.44 2.51 11.12
CA PRO A 8 0.22 2.61 11.92
C PRO A 8 -1.00 2.24 11.09
N PRO A 9 -2.14 1.96 11.73
CA PRO A 9 -3.36 1.58 11.02
C PRO A 9 -3.73 2.60 9.96
N GLY A 10 -4.03 2.12 8.76
CA GLY A 10 -4.36 2.99 7.66
C GLY A 10 -3.43 2.78 6.48
N TRP A 11 -2.13 2.80 6.76
CA TRP A 11 -1.12 2.59 5.74
C TRP A 11 -0.73 1.12 5.70
N GLU A 12 -0.85 0.49 4.52
CA GLU A 12 -0.50 -0.92 4.39
C GLU A 12 0.03 -1.24 2.99
N ARG A 13 1.35 -1.25 2.87
CA ARG A 13 1.98 -1.56 1.58
C ARG A 13 2.73 -2.89 1.68
N ARG A 14 2.22 -3.89 0.99
CA ARG A 14 2.83 -5.22 1.01
C ARG A 14 2.72 -5.89 -0.35
N VAL A 15 3.09 -7.16 -0.42
CA VAL A 15 3.03 -7.91 -1.67
C VAL A 15 2.03 -9.06 -1.57
N ASP A 16 0.86 -8.86 -2.18
CA ASP A 16 -0.19 -9.88 -2.16
C ASP A 16 -0.19 -10.66 -3.47
N ASN A 17 -0.79 -11.85 -3.42
CA ASN A 17 -0.87 -12.71 -4.60
C ASN A 17 0.53 -13.08 -5.08
N MET A 18 1.54 -12.80 -4.25
CA MET A 18 2.93 -13.11 -4.59
C MET A 18 3.32 -12.48 -5.93
N GLY A 19 3.32 -11.15 -5.97
CA GLY A 19 3.68 -10.46 -7.19
C GLY A 19 4.17 -9.05 -6.94
N ARG A 20 3.38 -8.06 -7.33
CA ARG A 20 3.74 -6.66 -7.14
C ARG A 20 3.35 -6.17 -5.75
N ILE A 21 3.99 -5.09 -5.32
CA ILE A 21 3.72 -4.51 -4.00
C ILE A 21 3.00 -3.17 -4.14
N TYR A 22 1.86 -3.04 -3.48
CA TYR A 22 1.08 -1.81 -3.53
C TYR A 22 0.72 -1.34 -2.12
N TYR A 23 0.48 -0.05 -1.97
CA TYR A 23 0.12 0.52 -0.68
C TYR A 23 -1.40 0.60 -0.54
N VAL A 24 -1.97 -0.43 0.06
CA VAL A 24 -3.41 -0.49 0.26
C VAL A 24 -3.81 0.11 1.61
N ASP A 25 -4.90 0.88 1.59
CA ASP A 25 -5.39 1.52 2.80
C ASP A 25 -6.32 0.60 3.58
N HIS A 26 -5.75 -0.07 4.58
CA HIS A 26 -6.52 -0.99 5.42
C HIS A 26 -7.73 -0.29 6.04
N PHE A 27 -7.64 1.03 6.15
CA PHE A 27 -8.73 1.82 6.74
C PHE A 27 -9.99 1.74 5.88
N THR A 28 -9.81 1.48 4.58
CA THR A 28 -10.95 1.39 3.67
C THR A 28 -10.93 0.07 2.89
N ARG A 29 -10.30 0.08 1.71
CA ARG A 29 -10.22 -1.13 0.89
C ARG A 29 -9.45 -0.86 -0.41
N THR A 30 -9.47 0.39 -0.88
CA THR A 30 -8.77 0.74 -2.11
C THR A 30 -7.27 0.69 -1.90
N THR A 31 -6.51 0.76 -2.98
CA THR A 31 -5.06 0.73 -2.90
C THR A 31 -4.41 1.85 -3.68
N THR A 32 -3.13 2.07 -3.39
CA THR A 32 -2.37 3.09 -4.07
C THR A 32 -0.98 2.56 -4.40
N TRP A 33 -0.62 2.65 -5.66
CA TRP A 33 0.65 2.17 -6.15
C TRP A 33 0.78 2.50 -7.63
N GLN A 34 -0.37 2.52 -8.32
CA GLN A 34 -0.43 2.81 -9.74
C GLN A 34 -0.28 4.31 -9.99
N ARG A 35 -0.32 4.70 -11.27
CA ARG A 35 -0.19 6.11 -11.64
C ARG A 35 -1.54 6.69 -12.03
N PRO A 36 -2.17 7.49 -11.15
CA PRO A 36 -3.46 8.11 -11.41
C PRO A 36 -3.42 9.03 -12.64
N THR A 37 -4.44 8.93 -13.48
CA THR A 37 -4.52 9.74 -14.68
C THR A 37 -5.81 10.56 -14.72
N LEU A 38 -6.44 10.73 -13.56
CA LEU A 38 -7.68 11.49 -13.46
C LEU A 38 -7.50 12.72 -12.59
N GLU A 39 -6.33 13.34 -12.69
CA GLU A 39 -6.03 14.54 -11.91
C GLU A 39 -5.51 15.65 -12.81
N GLY A 1 17.61 -0.79 12.15
CA GLY A 1 18.07 -1.89 13.05
C GLY A 1 16.92 -2.58 13.74
N ARG A 2 15.92 -1.79 14.15
CA ARG A 2 14.75 -2.35 14.83
C ARG A 2 13.49 -2.15 14.00
N ALA A 3 13.28 -0.91 13.53
CA ALA A 3 12.12 -0.59 12.72
C ALA A 3 12.36 -0.94 11.25
N MET A 4 11.58 -1.89 10.75
CA MET A 4 11.70 -2.32 9.35
C MET A 4 10.48 -1.91 8.54
N GLY A 5 9.94 -0.73 8.85
CA GLY A 5 8.77 -0.24 8.14
C GLY A 5 7.55 -0.13 9.03
N PRO A 6 7.50 0.89 9.91
CA PRO A 6 6.38 1.10 10.81
C PRO A 6 5.26 1.92 10.18
N LEU A 7 4.06 1.33 10.16
CA LEU A 7 2.90 2.01 9.57
C LEU A 7 1.66 1.79 10.43
N PRO A 8 0.89 2.86 10.68
CA PRO A 8 -0.34 2.77 11.49
C PRO A 8 -1.38 1.91 10.79
N PRO A 9 -2.51 1.62 11.45
CA PRO A 9 -3.57 0.80 10.85
C PRO A 9 -4.28 1.51 9.71
N GLY A 10 -3.52 1.81 8.66
CA GLY A 10 -4.06 2.49 7.50
C GLY A 10 -3.14 2.33 6.30
N TRP A 11 -1.94 2.87 6.42
CA TRP A 11 -0.95 2.77 5.36
C TRP A 11 -0.35 1.37 5.35
N GLU A 12 -0.61 0.60 4.30
CA GLU A 12 -0.09 -0.76 4.21
C GLU A 12 0.46 -1.08 2.83
N ARG A 13 1.77 -0.93 2.68
CA ARG A 13 2.44 -1.23 1.42
C ARG A 13 3.14 -2.58 1.53
N ARG A 14 2.47 -3.63 1.07
CA ARG A 14 3.01 -4.98 1.14
C ARG A 14 2.77 -5.74 -0.16
N VAL A 15 3.05 -7.04 -0.13
CA VAL A 15 2.85 -7.89 -1.30
C VAL A 15 1.51 -8.62 -1.23
N ASP A 16 0.99 -9.00 -2.39
CA ASP A 16 -0.28 -9.71 -2.46
C ASP A 16 -0.17 -10.97 -3.30
N ASN A 17 -1.27 -11.69 -3.43
CA ASN A 17 -1.29 -12.92 -4.22
C ASN A 17 -0.88 -12.66 -5.66
N MET A 18 -1.14 -11.44 -6.13
CA MET A 18 -0.78 -11.06 -7.49
C MET A 18 0.72 -11.21 -7.73
N GLY A 19 1.51 -10.60 -6.84
CA GLY A 19 2.96 -10.68 -6.97
C GLY A 19 3.62 -9.33 -6.81
N ARG A 20 2.88 -8.26 -7.06
CA ARG A 20 3.41 -6.90 -6.94
C ARG A 20 3.15 -6.34 -5.55
N ILE A 21 3.73 -5.18 -5.28
CA ILE A 21 3.56 -4.53 -3.98
C ILE A 21 2.89 -3.18 -4.15
N TYR A 22 1.88 -2.91 -3.32
CA TYR A 22 1.15 -1.66 -3.38
C TYR A 22 0.68 -1.24 -1.99
N TYR A 23 0.49 0.07 -1.81
CA TYR A 23 0.05 0.61 -0.53
C TYR A 23 -1.47 0.58 -0.44
N VAL A 24 -1.97 -0.42 0.30
CA VAL A 24 -3.41 -0.58 0.48
C VAL A 24 -3.89 0.08 1.77
N ASP A 25 -4.95 0.87 1.65
CA ASP A 25 -5.52 1.57 2.81
C ASP A 25 -6.37 0.61 3.64
N HIS A 26 -5.74 -0.04 4.60
CA HIS A 26 -6.44 -0.98 5.48
C HIS A 26 -7.68 -0.34 6.09
N PHE A 27 -7.66 0.98 6.23
CA PHE A 27 -8.78 1.71 6.80
C PHE A 27 -10.00 1.67 5.87
N THR A 28 -9.76 1.41 4.59
CA THR A 28 -10.85 1.34 3.62
C THR A 28 -10.84 0.00 2.89
N ARG A 29 -10.08 -0.09 1.80
CA ARG A 29 -9.99 -1.32 1.01
C ARG A 29 -9.21 -1.11 -0.28
N THR A 30 -9.29 0.10 -0.84
CA THR A 30 -8.58 0.42 -2.07
C THR A 30 -7.08 0.46 -1.83
N THR A 31 -6.32 0.50 -2.92
CA THR A 31 -4.86 0.54 -2.82
C THR A 31 -4.28 1.65 -3.67
N THR A 32 -3.06 2.02 -3.35
CA THR A 32 -2.36 3.05 -4.10
C THR A 32 -0.92 2.62 -4.37
N TRP A 33 -0.53 2.74 -5.63
CA TRP A 33 0.79 2.36 -6.08
C TRP A 33 0.97 2.73 -7.54
N GLN A 34 -0.14 2.69 -8.28
CA GLN A 34 -0.16 3.00 -9.71
C GLN A 34 -0.41 4.49 -9.93
N ARG A 35 -0.22 4.93 -11.16
CA ARG A 35 -0.44 6.34 -11.52
C ARG A 35 -1.51 6.47 -12.61
N PRO A 36 -2.35 7.51 -12.53
CA PRO A 36 -3.41 7.74 -13.51
C PRO A 36 -2.88 8.30 -14.83
N THR A 37 -3.18 7.59 -15.92
CA THR A 37 -2.73 8.01 -17.24
C THR A 37 -1.21 7.99 -17.34
N LEU A 38 -0.69 7.34 -18.37
CA LEU A 38 0.75 7.25 -18.58
C LEU A 38 1.07 6.59 -19.91
N GLU A 39 0.24 6.86 -20.92
CA GLU A 39 0.43 6.30 -22.25
C GLU A 39 -0.01 7.28 -23.33
N GLY A 1 14.97 2.78 3.78
CA GLY A 1 15.86 3.64 4.62
C GLY A 1 15.78 3.29 6.10
N ARG A 2 14.91 3.99 6.83
CA ARG A 2 14.73 3.75 8.25
C ARG A 2 13.32 4.11 8.69
N ALA A 3 12.85 5.28 8.25
CA ALA A 3 11.51 5.75 8.61
C ALA A 3 11.39 5.96 10.11
N MET A 4 10.19 6.29 10.56
CA MET A 4 9.94 6.53 11.98
C MET A 4 8.80 5.65 12.49
N GLY A 5 9.16 4.48 13.00
CA GLY A 5 8.16 3.55 13.52
C GLY A 5 7.41 2.82 12.41
N PRO A 6 6.88 1.63 12.70
CA PRO A 6 6.14 0.84 11.71
C PRO A 6 4.96 1.61 11.12
N LEU A 7 4.05 0.87 10.48
CA LEU A 7 2.87 1.49 9.88
C LEU A 7 1.60 1.12 10.65
N PRO A 8 0.99 2.09 11.35
CA PRO A 8 -0.24 1.86 12.10
C PRO A 8 -1.32 1.21 11.22
N PRO A 9 -2.51 0.92 11.78
CA PRO A 9 -3.59 0.32 11.01
C PRO A 9 -4.19 1.27 9.99
N GLY A 10 -3.36 1.71 9.05
CA GLY A 10 -3.79 2.63 8.01
C GLY A 10 -2.98 2.44 6.74
N TRP A 11 -1.69 2.76 6.84
CA TRP A 11 -0.79 2.61 5.70
C TRP A 11 -0.35 1.16 5.59
N GLU A 12 -0.97 0.42 4.68
CA GLU A 12 -0.64 -0.99 4.51
C GLU A 12 -0.13 -1.26 3.10
N ARG A 13 1.20 -1.30 2.96
CA ARG A 13 1.82 -1.58 1.67
C ARG A 13 2.72 -2.80 1.76
N ARG A 14 2.36 -3.86 1.05
CA ARG A 14 3.15 -5.09 1.07
C ARG A 14 3.08 -5.80 -0.28
N VAL A 15 3.58 -7.03 -0.31
CA VAL A 15 3.58 -7.82 -1.54
C VAL A 15 2.30 -8.64 -1.67
N ASP A 16 1.88 -8.87 -2.90
CA ASP A 16 0.67 -9.64 -3.17
C ASP A 16 1.01 -10.96 -3.87
N ASN A 17 0.06 -11.88 -3.88
CA ASN A 17 0.26 -13.19 -4.50
C ASN A 17 0.71 -13.03 -5.96
N MET A 18 0.30 -11.93 -6.59
CA MET A 18 0.65 -11.67 -7.97
C MET A 18 2.16 -11.51 -8.13
N GLY A 19 2.77 -10.79 -7.19
CA GLY A 19 4.21 -10.57 -7.24
C GLY A 19 4.59 -9.10 -7.17
N ARG A 20 3.59 -8.23 -7.12
CA ARG A 20 3.83 -6.79 -7.05
C ARG A 20 3.48 -6.24 -5.67
N ILE A 21 4.11 -5.13 -5.31
CA ILE A 21 3.86 -4.50 -4.02
C ILE A 21 3.07 -3.21 -4.19
N TYR A 22 1.92 -3.13 -3.53
CA TYR A 22 1.08 -1.94 -3.61
C TYR A 22 0.83 -1.38 -2.22
N TYR A 23 0.33 -0.15 -2.17
CA TYR A 23 0.06 0.50 -0.89
C TYR A 23 -1.44 0.54 -0.64
N VAL A 24 -1.93 -0.50 0.01
CA VAL A 24 -3.35 -0.61 0.32
C VAL A 24 -3.67 0.04 1.66
N ASP A 25 -4.82 0.71 1.73
CA ASP A 25 -5.23 1.40 2.94
C ASP A 25 -6.14 0.51 3.79
N HIS A 26 -6.37 0.91 5.03
CA HIS A 26 -7.22 0.15 5.94
C HIS A 26 -8.50 0.91 6.26
N PHE A 27 -8.48 2.22 6.08
CA PHE A 27 -9.65 3.05 6.36
C PHE A 27 -10.60 3.07 5.15
N THR A 28 -10.05 2.90 3.96
CA THR A 28 -10.85 2.92 2.74
C THR A 28 -10.89 1.54 2.09
N ARG A 29 -9.98 0.66 2.50
CA ARG A 29 -9.91 -0.70 1.94
C ARG A 29 -9.50 -0.68 0.47
N THR A 30 -9.10 0.48 -0.02
CA THR A 30 -8.66 0.60 -1.41
C THR A 30 -7.14 0.62 -1.46
N THR A 31 -6.57 0.51 -2.65
CA THR A 31 -5.12 0.52 -2.78
C THR A 31 -4.63 1.61 -3.71
N THR A 32 -3.36 1.94 -3.54
CA THR A 32 -2.71 2.93 -4.37
C THR A 32 -1.30 2.46 -4.70
N TRP A 33 -1.06 2.28 -5.98
CA TRP A 33 0.21 1.81 -6.49
C TRP A 33 0.25 1.99 -7.99
N GLN A 34 -0.93 1.91 -8.61
CA GLN A 34 -1.09 2.05 -10.05
C GLN A 34 -1.32 3.51 -10.43
N ARG A 35 -1.48 3.76 -11.72
CA ARG A 35 -1.72 5.11 -12.21
C ARG A 35 -3.05 5.20 -12.95
N PRO A 36 -3.99 6.03 -12.46
CA PRO A 36 -5.31 6.19 -13.09
C PRO A 36 -5.22 6.85 -14.46
N THR A 37 -5.15 6.03 -15.50
CA THR A 37 -5.05 6.53 -16.87
C THR A 37 -6.43 6.54 -17.53
N LEU A 38 -7.03 5.36 -17.66
CA LEU A 38 -8.34 5.24 -18.28
C LEU A 38 -8.34 5.79 -19.71
N GLU A 39 -7.31 5.43 -20.46
CA GLU A 39 -7.18 5.88 -21.84
C GLU A 39 -7.00 4.70 -22.79
#